data_5U01
#
_entry.id   5U01
#
_cell.length_a   88.910
_cell.length_b   117.800
_cell.length_c   70.810
_cell.angle_alpha   90.00
_cell.angle_beta   91.20
_cell.angle_gamma   90.00
#
_symmetry.space_group_name_H-M   'P 1 21 1'
#
loop_
_entity.id
_entity.type
_entity.pdbx_description
1 polymer 'Transcription factor p65'
2 polymer 'DNA (27-MER)'
3 water water
#
loop_
_entity_poly.entity_id
_entity_poly.type
_entity_poly.pdbx_seq_one_letter_code
_entity_poly.pdbx_strand_id
1 'polypeptide(L)'
;PYVEIIEQPKQRGMRFRYKCEGRSAGSIPGERSTDTTKTHPTIKINGYTGPGTVRISLVTKDPPHRPHPHELVGKDCRDG
YYEADLCPDRSIHSFQNLGIQCVKKRDLEQAISQRIQTNNNPFHVPIEEQRGDYDLNAVRLCFQVTVRDPAGRPLLLTPV
LSHPIFDNRAPNTAELKICRVNRNSGSCLGGDEIFLLCDKVQKEDIEVYFTGPGWEARGSFSQADVHRQVAIVFRTPPYA
DPSLQAPVRVSMQLRRPSDRELSEPMEFQYLPD
;
A,B,C,D
2 'polydeoxyribonucleotide'
;(DT)(DA)(DG)(DC)(DG)(DG)(DA)(DA)(DA)(DT)(DT)(DC)(DC)(DC)(DG)(DG)(DG)(DA)(DA)(DT)
(DT)(DT)(DC)(DC)(DG)(DC)(DT)
;
F,E
#
loop_
_chem_comp.id
_chem_comp.type
_chem_comp.name
_chem_comp.formula
DA DNA linking 2'-DEOXYADENOSINE-5'-MONOPHOSPHATE 'C10 H14 N5 O6 P'
DC DNA linking 2'-DEOXYCYTIDINE-5'-MONOPHOSPHATE 'C9 H14 N3 O7 P'
DG DNA linking 2'-DEOXYGUANOSINE-5'-MONOPHOSPHATE 'C10 H14 N5 O7 P'
DT DNA linking THYMIDINE-5'-MONOPHOSPHATE 'C10 H15 N2 O8 P'
#
# COMPACT_ATOMS: atom_id res chain seq x y z
N PRO A 1 4.32 -45.11 -11.94
CA PRO A 1 4.32 -43.68 -12.34
C PRO A 1 5.16 -42.84 -11.40
N TYR A 2 5.63 -41.69 -11.89
CA TYR A 2 6.44 -40.80 -11.07
C TYR A 2 6.03 -39.33 -11.28
N VAL A 3 6.34 -38.49 -10.30
CA VAL A 3 6.02 -37.07 -10.40
C VAL A 3 7.19 -36.25 -10.90
N GLU A 4 6.89 -35.24 -11.71
CA GLU A 4 7.94 -34.41 -12.25
C GLU A 4 7.61 -32.92 -12.10
N ILE A 5 8.54 -32.18 -11.52
CA ILE A 5 8.35 -30.74 -11.33
C ILE A 5 8.75 -30.01 -12.60
N ILE A 6 7.77 -29.78 -13.47
CA ILE A 6 8.02 -29.07 -14.72
C ILE A 6 8.12 -27.57 -14.50
N GLU A 7 7.58 -27.11 -13.37
CA GLU A 7 7.61 -25.69 -13.03
C GLU A 7 8.03 -25.47 -11.59
N GLN A 8 9.33 -25.36 -11.35
CA GLN A 8 9.88 -25.12 -10.02
C GLN A 8 9.46 -23.75 -9.46
N PRO A 9 9.46 -23.62 -8.13
CA PRO A 9 9.07 -22.33 -7.52
C PRO A 9 10.25 -21.36 -7.54
N LYS A 10 9.95 -20.06 -7.54
CA LYS A 10 11.02 -19.05 -7.55
C LYS A 10 11.81 -19.12 -6.25
N GLN A 11 13.09 -19.47 -6.36
CA GLN A 11 13.93 -19.59 -5.18
C GLN A 11 14.06 -18.34 -4.35
N ARG A 12 14.09 -17.19 -5.03
CA ARG A 12 14.23 -15.92 -4.33
C ARG A 12 13.17 -14.92 -4.77
N GLY A 13 13.02 -13.85 -3.99
CA GLY A 13 12.04 -12.83 -4.32
C GLY A 13 11.02 -12.57 -3.24
N MET A 14 10.10 -13.50 -3.04
CA MET A 14 9.05 -13.33 -2.02
C MET A 14 9.60 -13.49 -0.61
N ARG A 15 8.92 -12.87 0.35
CA ARG A 15 9.35 -12.95 1.75
C ARG A 15 8.27 -13.58 2.60
N PHE A 16 8.66 -14.59 3.38
CA PHE A 16 7.74 -15.31 4.25
C PHE A 16 7.01 -14.34 5.15
N ARG A 17 5.70 -14.27 4.99
CA ARG A 17 4.89 -13.36 5.82
C ARG A 17 4.48 -14.02 7.15
N TYR A 18 4.40 -13.24 8.22
CA TYR A 18 4.01 -13.78 9.52
C TYR A 18 2.51 -13.84 9.69
N LYS A 19 2.06 -14.66 10.62
CA LYS A 19 0.64 -14.85 10.88
C LYS A 19 -0.07 -13.55 11.25
N CYS A 20 0.62 -12.67 11.96
CA CYS A 20 0.03 -11.40 12.39
C CYS A 20 -0.29 -10.53 11.19
N GLU A 21 0.62 -10.51 10.22
CA GLU A 21 0.41 -9.72 9.02
C GLU A 21 -0.88 -10.15 8.32
N GLY A 22 -1.71 -9.17 7.95
CA GLY A 22 -2.96 -9.48 7.29
C GLY A 22 -2.78 -9.97 5.87
N ARG A 23 -2.02 -11.04 5.71
CA ARG A 23 -1.75 -11.62 4.39
C ARG A 23 -2.02 -13.12 4.39
N SER A 24 -2.37 -13.67 3.23
CA SER A 24 -2.66 -15.09 3.07
C SER A 24 -2.76 -15.42 1.58
N ALA A 25 -3.27 -14.48 0.79
CA ALA A 25 -3.41 -14.67 -0.66
C ALA A 25 -2.05 -14.87 -1.30
N GLY A 26 -1.00 -14.58 -0.54
CA GLY A 26 0.35 -14.73 -1.05
C GLY A 26 0.50 -16.05 -1.79
N SER A 27 1.13 -16.00 -2.97
CA SER A 27 1.32 -17.20 -3.75
C SER A 27 2.75 -17.32 -4.23
N ILE A 28 3.30 -18.53 -4.12
CA ILE A 28 4.66 -18.81 -4.56
C ILE A 28 4.73 -18.74 -6.07
N PRO A 29 5.51 -17.80 -6.59
CA PRO A 29 5.64 -17.64 -8.04
C PRO A 29 6.46 -18.75 -8.70
N GLY A 30 6.13 -19.04 -9.95
CA GLY A 30 6.85 -20.05 -10.71
C GLY A 30 8.27 -19.58 -11.00
N GLU A 31 9.18 -20.53 -11.22
CA GLU A 31 10.57 -20.21 -11.52
C GLU A 31 10.67 -19.18 -12.65
N ARG A 32 9.94 -19.39 -13.73
CA ARG A 32 9.94 -18.44 -14.85
C ARG A 32 9.30 -17.11 -14.44
N SER A 33 8.00 -17.17 -14.12
CA SER A 33 7.21 -16.01 -13.71
C SER A 33 7.96 -14.68 -13.77
N THR A 34 7.65 -13.87 -14.77
CA THR A 34 8.29 -12.56 -14.91
C THR A 34 7.41 -11.46 -14.32
N ASP A 35 7.86 -10.22 -14.44
CA ASP A 35 7.11 -9.07 -13.93
C ASP A 35 5.81 -8.93 -14.71
N THR A 36 5.87 -9.30 -15.99
CA THR A 36 4.70 -9.24 -16.87
C THR A 36 3.67 -10.30 -16.49
N THR A 37 4.08 -11.56 -16.61
CA THR A 37 3.23 -12.70 -16.28
C THR A 37 3.93 -13.61 -15.27
N LYS A 38 3.16 -14.12 -14.31
CA LYS A 38 3.72 -15.01 -13.31
C LYS A 38 3.29 -16.45 -13.50
N THR A 39 4.27 -17.35 -13.55
CA THR A 39 3.99 -18.76 -13.71
C THR A 39 3.81 -19.31 -12.30
N HIS A 40 3.42 -20.57 -12.18
CA HIS A 40 3.23 -21.17 -10.86
C HIS A 40 3.70 -22.61 -10.80
N PRO A 41 4.23 -23.03 -9.64
CA PRO A 41 4.73 -24.38 -9.43
C PRO A 41 3.82 -25.42 -10.06
N THR A 42 4.34 -26.14 -11.04
CA THR A 42 3.58 -27.17 -11.74
C THR A 42 4.31 -28.51 -11.76
N ILE A 43 3.56 -29.59 -11.70
CA ILE A 43 4.16 -30.92 -11.76
C ILE A 43 3.42 -31.77 -12.76
N LYS A 44 4.14 -32.66 -13.43
CA LYS A 44 3.54 -33.53 -14.42
C LYS A 44 3.54 -34.96 -13.88
N ILE A 45 2.49 -35.70 -14.21
CA ILE A 45 2.42 -37.09 -13.75
C ILE A 45 2.62 -38.03 -14.92
N ASN A 46 3.81 -38.62 -15.00
CA ASN A 46 4.12 -39.54 -16.10
C ASN A 46 3.65 -40.94 -15.77
N GLY A 47 2.81 -41.50 -16.64
CA GLY A 47 2.31 -42.85 -16.44
C GLY A 47 0.92 -42.92 -15.84
N TYR A 48 0.27 -41.77 -15.74
CA TYR A 48 -1.07 -41.72 -15.18
C TYR A 48 -1.76 -40.43 -15.57
N THR A 49 -3.08 -40.46 -15.65
CA THR A 49 -3.80 -39.27 -16.06
C THR A 49 -5.22 -39.30 -15.56
N GLY A 50 -5.51 -40.15 -14.59
CA GLY A 50 -6.86 -40.22 -14.05
C GLY A 50 -7.06 -39.48 -12.74
N PRO A 51 -8.00 -39.93 -11.91
CA PRO A 51 -8.30 -39.29 -10.61
C PRO A 51 -7.28 -39.67 -9.54
N GLY A 52 -7.05 -38.75 -8.61
CA GLY A 52 -6.09 -38.99 -7.54
C GLY A 52 -6.07 -37.90 -6.49
N THR A 53 -5.02 -37.89 -5.68
CA THR A 53 -4.89 -36.90 -4.61
C THR A 53 -3.46 -36.40 -4.53
N VAL A 54 -3.31 -35.13 -4.16
CA VAL A 54 -1.98 -34.54 -4.06
C VAL A 54 -1.79 -33.75 -2.76
N ARG A 55 -0.71 -34.01 -2.04
CA ARG A 55 -0.44 -33.31 -0.81
C ARG A 55 0.88 -32.58 -0.93
N ILE A 56 0.90 -31.31 -0.58
CA ILE A 56 2.15 -30.55 -0.65
C ILE A 56 2.52 -30.08 0.75
N SER A 57 3.75 -30.37 1.16
CA SER A 57 4.20 -29.96 2.48
C SER A 57 5.57 -29.28 2.40
N LEU A 58 6.02 -28.71 3.50
CA LEU A 58 7.31 -28.04 3.57
C LEU A 58 8.32 -28.89 4.33
N VAL A 59 9.56 -28.92 3.85
CA VAL A 59 10.62 -29.69 4.52
C VAL A 59 11.93 -28.91 4.61
N THR A 60 12.88 -29.43 5.37
CA THR A 60 14.17 -28.77 5.53
C THR A 60 14.92 -28.70 4.21
N LYS A 61 15.93 -27.83 4.15
CA LYS A 61 16.72 -27.67 2.96
C LYS A 61 17.83 -28.70 2.86
N ASP A 62 18.48 -28.97 3.98
CA ASP A 62 19.59 -29.93 4.04
C ASP A 62 19.09 -31.35 3.90
N PRO A 63 20.00 -32.29 3.52
CA PRO A 63 19.67 -33.70 3.34
C PRO A 63 18.64 -34.21 4.36
N PRO A 64 18.87 -33.97 5.65
CA PRO A 64 17.88 -34.45 6.62
C PRO A 64 16.59 -33.65 6.44
N HIS A 65 15.73 -34.11 5.55
CA HIS A 65 14.50 -33.40 5.27
C HIS A 65 13.41 -33.72 6.29
N ARG A 66 13.24 -32.85 7.26
CA ARG A 66 12.24 -33.06 8.30
C ARG A 66 11.12 -32.05 8.09
N PRO A 67 9.93 -32.34 8.62
CA PRO A 67 8.77 -31.45 8.49
C PRO A 67 9.14 -30.06 9.00
N HIS A 68 9.23 -29.10 8.09
CA HIS A 68 9.59 -27.74 8.44
C HIS A 68 8.49 -27.08 9.24
N PRO A 69 8.85 -26.25 10.21
CA PRO A 69 7.89 -25.53 11.07
C PRO A 69 6.94 -24.58 10.37
N HIS A 70 7.42 -23.88 9.34
CA HIS A 70 6.55 -22.94 8.63
C HIS A 70 5.31 -23.65 8.15
N GLU A 71 4.20 -22.92 8.05
CA GLU A 71 2.94 -23.49 7.58
C GLU A 71 2.72 -23.11 6.13
N LEU A 72 1.75 -23.76 5.48
CA LEU A 72 1.46 -23.48 4.09
C LEU A 72 0.02 -23.04 3.93
N VAL A 73 -0.22 -21.73 4.06
CA VAL A 73 -1.56 -21.17 3.96
C VAL A 73 -1.97 -21.02 2.52
N GLY A 74 -3.28 -21.10 2.28
CA GLY A 74 -3.80 -20.99 0.93
C GLY A 74 -5.07 -21.79 0.74
N LYS A 75 -5.40 -22.07 -0.52
CA LYS A 75 -6.59 -22.83 -0.82
C LYS A 75 -6.32 -24.31 -0.57
N ASP A 76 -7.32 -25.01 -0.05
CA ASP A 76 -7.21 -26.44 0.23
C ASP A 76 -6.07 -26.72 1.22
N CYS A 77 -5.74 -25.71 2.01
CA CYS A 77 -4.67 -25.85 2.98
C CYS A 77 -5.18 -25.94 4.41
N ARG A 78 -4.58 -26.84 5.17
CA ARG A 78 -4.95 -27.02 6.57
C ARG A 78 -3.78 -27.62 7.33
N ASP A 79 -3.63 -27.21 8.58
CA ASP A 79 -2.56 -27.73 9.42
C ASP A 79 -1.16 -27.53 8.85
N GLY A 80 -1.03 -26.59 7.92
CA GLY A 80 0.26 -26.32 7.35
C GLY A 80 0.60 -26.96 6.02
N TYR A 81 -0.30 -27.80 5.50
CA TYR A 81 -0.04 -28.46 4.23
C TYR A 81 -1.20 -28.29 3.24
N TYR A 82 -0.91 -28.56 1.98
CA TYR A 82 -1.88 -28.48 0.92
C TYR A 82 -2.38 -29.87 0.60
N GLU A 83 -3.67 -29.99 0.29
CA GLU A 83 -4.24 -31.29 -0.04
C GLU A 83 -5.60 -31.16 -0.73
N ALA A 84 -5.61 -31.31 -2.05
CA ALA A 84 -6.82 -31.22 -2.85
C ALA A 84 -6.87 -32.39 -3.82
N ASP A 85 -8.05 -32.69 -4.36
CA ASP A 85 -8.20 -33.78 -5.30
C ASP A 85 -7.49 -33.47 -6.61
N LEU A 86 -6.86 -34.50 -7.19
CA LEU A 86 -6.16 -34.33 -8.45
C LEU A 86 -7.15 -34.30 -9.61
N CYS A 87 -7.00 -33.33 -10.52
CA CYS A 87 -7.87 -33.20 -11.67
C CYS A 87 -7.58 -34.24 -12.78
N PRO A 88 -8.51 -35.18 -13.01
CA PRO A 88 -8.42 -36.26 -14.00
C PRO A 88 -8.20 -35.81 -15.44
N ASP A 89 -8.54 -34.56 -15.73
CA ASP A 89 -8.33 -33.99 -17.05
C ASP A 89 -7.00 -34.40 -17.71
N ARG A 90 -5.86 -33.94 -17.18
CA ARG A 90 -4.56 -34.29 -17.75
C ARG A 90 -3.54 -34.61 -16.67
N SER A 91 -2.28 -34.76 -17.07
CA SER A 91 -1.20 -35.07 -16.16
C SER A 91 -0.49 -33.80 -15.68
N ILE A 92 -0.97 -32.67 -16.14
CA ILE A 92 -0.40 -31.38 -15.76
C ILE A 92 -1.16 -30.79 -14.59
N HIS A 93 -0.44 -30.29 -13.60
CA HIS A 93 -1.07 -29.72 -12.42
C HIS A 93 -0.23 -28.56 -11.89
N SER A 94 -0.83 -27.37 -11.86
CA SER A 94 -0.14 -26.18 -11.37
C SER A 94 -0.86 -25.65 -10.14
N PHE A 95 -0.10 -25.00 -9.26
CA PHE A 95 -0.63 -24.42 -8.04
C PHE A 95 -0.24 -22.94 -7.92
N GLN A 96 -1.25 -22.08 -7.86
CA GLN A 96 -1.04 -20.63 -7.75
C GLN A 96 -1.56 -20.11 -6.41
N ASN A 97 -2.05 -21.01 -5.57
CA ASN A 97 -2.61 -20.61 -4.29
C ASN A 97 -1.76 -21.04 -3.10
N LEU A 98 -0.47 -21.20 -3.31
CA LEU A 98 0.42 -21.63 -2.23
C LEU A 98 1.11 -20.46 -1.53
N GLY A 99 0.75 -20.24 -0.28
CA GLY A 99 1.34 -19.17 0.49
C GLY A 99 2.15 -19.72 1.65
N ILE A 100 3.33 -19.16 1.87
CA ILE A 100 4.19 -19.60 2.97
C ILE A 100 4.01 -18.70 4.19
N GLN A 101 3.73 -19.30 5.34
CA GLN A 101 3.54 -18.55 6.59
C GLN A 101 4.60 -18.99 7.60
N CYS A 102 5.60 -18.15 7.80
CA CYS A 102 6.69 -18.47 8.72
C CYS A 102 6.24 -18.29 10.15
N VAL A 103 6.68 -19.19 11.03
CA VAL A 103 6.30 -19.11 12.43
C VAL A 103 7.39 -18.44 13.24
N LYS A 104 7.05 -18.01 14.46
CA LYS A 104 8.00 -17.34 15.36
C LYS A 104 8.76 -18.39 16.17
N LYS A 105 9.91 -17.98 16.71
CA LYS A 105 10.74 -18.86 17.52
C LYS A 105 9.99 -19.31 18.77
N ARG A 106 9.15 -18.43 19.29
CA ARG A 106 8.35 -18.75 20.47
C ARG A 106 7.46 -19.94 20.19
N ASP A 107 6.81 -19.92 19.03
CA ASP A 107 5.90 -20.99 18.64
C ASP A 107 6.61 -22.05 17.80
N LEU A 108 7.94 -22.07 17.87
CA LEU A 108 8.73 -23.03 17.12
C LEU A 108 8.45 -24.47 17.59
N GLU A 109 8.56 -24.68 18.90
CA GLU A 109 8.32 -25.99 19.48
C GLU A 109 6.90 -26.46 19.15
N GLN A 110 5.92 -25.58 19.33
CA GLN A 110 4.52 -25.90 19.06
C GLN A 110 4.28 -26.23 17.60
N ALA A 111 4.98 -25.53 16.72
CA ALA A 111 4.85 -25.77 15.29
C ALA A 111 5.26 -27.20 14.93
N ILE A 112 6.45 -27.59 15.36
CA ILE A 112 6.95 -28.92 15.04
C ILE A 112 6.06 -30.01 15.62
N SER A 113 5.41 -29.71 16.74
CA SER A 113 4.53 -30.68 17.38
C SER A 113 3.36 -31.04 16.46
N GLN A 114 2.69 -30.02 15.94
CA GLN A 114 1.55 -30.24 15.06
C GLN A 114 1.97 -31.05 13.81
N ARG A 115 3.19 -30.82 13.36
CA ARG A 115 3.66 -31.51 12.19
C ARG A 115 3.49 -33.02 12.30
N ILE A 116 4.06 -33.60 13.33
CA ILE A 116 3.97 -35.04 13.53
C ILE A 116 2.68 -35.43 14.23
N GLN A 117 2.09 -34.50 14.96
CA GLN A 117 0.84 -34.79 15.65
C GLN A 117 -0.26 -34.84 14.60
N THR A 118 0.05 -34.33 13.40
CA THR A 118 -0.90 -34.34 12.29
C THR A 118 -0.34 -35.33 11.27
N ASN A 119 0.76 -35.97 11.65
CA ASN A 119 1.43 -36.95 10.81
C ASN A 119 1.75 -36.36 9.43
N ASN A 120 2.50 -35.27 9.46
CA ASN A 120 2.89 -34.58 8.23
C ASN A 120 4.37 -34.85 7.94
N ASN A 121 4.80 -36.08 8.14
CA ASN A 121 6.19 -36.46 7.89
C ASN A 121 6.28 -37.23 6.58
N PRO A 122 6.61 -36.55 5.47
CA PRO A 122 6.73 -37.15 4.14
C PRO A 122 7.89 -38.13 3.97
N PHE A 123 9.00 -37.89 4.67
CA PHE A 123 10.16 -38.76 4.55
C PHE A 123 10.34 -39.71 5.74
N HIS A 124 9.34 -39.76 6.62
CA HIS A 124 9.42 -40.63 7.79
C HIS A 124 10.78 -40.54 8.45
N VAL A 125 11.04 -39.42 9.12
CA VAL A 125 12.31 -39.20 9.81
C VAL A 125 12.18 -39.43 11.31
N PRO A 126 13.14 -40.14 11.91
CA PRO A 126 13.11 -40.42 13.35
C PRO A 126 12.92 -39.15 14.18
N ILE A 127 11.91 -39.16 15.04
CA ILE A 127 11.63 -38.02 15.90
C ILE A 127 12.88 -37.57 16.64
N GLU A 128 13.80 -38.50 16.86
CA GLU A 128 15.03 -38.18 17.57
C GLU A 128 15.95 -37.32 16.70
N GLU A 129 16.10 -37.72 15.44
CA GLU A 129 16.96 -37.00 14.51
C GLU A 129 16.35 -35.71 13.96
N GLN A 130 15.02 -35.65 13.90
CA GLN A 130 14.37 -34.45 13.39
C GLN A 130 14.58 -33.27 14.30
N ARG A 131 14.73 -33.54 15.60
CA ARG A 131 14.93 -32.49 16.59
C ARG A 131 16.35 -31.92 16.58
N GLY A 132 16.43 -30.60 16.65
CA GLY A 132 17.71 -29.93 16.65
C GLY A 132 17.56 -28.45 16.35
N ASP A 133 18.02 -28.04 15.18
CA ASP A 133 17.93 -26.64 14.78
C ASP A 133 17.41 -26.54 13.35
N TYR A 134 16.42 -25.68 13.14
CA TYR A 134 15.84 -25.50 11.82
C TYR A 134 16.24 -24.17 11.17
N ASP A 135 16.34 -24.16 9.85
CA ASP A 135 16.70 -22.94 9.14
C ASP A 135 15.42 -22.27 8.63
N LEU A 136 14.86 -21.39 9.45
CA LEU A 136 13.62 -20.70 9.10
C LEU A 136 13.81 -19.69 7.99
N ASN A 137 14.96 -19.76 7.33
CA ASN A 137 15.24 -18.82 6.27
C ASN A 137 15.08 -19.41 4.88
N ALA A 138 14.87 -20.73 4.82
CA ALA A 138 14.73 -21.44 3.55
C ALA A 138 13.90 -22.72 3.73
N VAL A 139 13.11 -23.05 2.70
CA VAL A 139 12.28 -24.26 2.73
C VAL A 139 12.24 -25.01 1.38
N ARG A 140 11.61 -26.17 1.37
CA ARG A 140 11.48 -26.98 0.17
C ARG A 140 10.05 -27.48 0.08
N LEU A 141 9.55 -27.64 -1.14
CA LEU A 141 8.20 -28.15 -1.36
C LEU A 141 8.28 -29.66 -1.59
N CYS A 142 7.46 -30.40 -0.88
CA CYS A 142 7.41 -31.85 -0.99
C CYS A 142 6.09 -32.30 -1.58
N PHE A 143 6.13 -32.75 -2.84
CA PHE A 143 4.95 -33.20 -3.56
C PHE A 143 4.70 -34.69 -3.34
N GLN A 144 3.65 -34.97 -2.57
CA GLN A 144 3.25 -36.33 -2.24
C GLN A 144 1.97 -36.69 -2.99
N VAL A 145 2.13 -37.34 -4.13
CA VAL A 145 1.00 -37.72 -4.96
C VAL A 145 0.53 -39.15 -4.77
N THR A 146 -0.78 -39.35 -4.88
CA THR A 146 -1.36 -40.67 -4.72
C THR A 146 -2.34 -40.93 -5.87
N VAL A 147 -2.02 -41.89 -6.72
CA VAL A 147 -2.87 -42.19 -7.86
C VAL A 147 -3.58 -43.53 -7.67
N ARG A 148 -3.99 -44.14 -8.79
CA ARG A 148 -4.69 -45.40 -8.77
C ARG A 148 -4.04 -46.36 -9.75
N ASP A 149 -3.95 -47.64 -9.38
CA ASP A 149 -3.37 -48.65 -10.25
C ASP A 149 -4.41 -49.00 -11.33
N PRO A 150 -4.03 -49.83 -12.31
CA PRO A 150 -4.96 -50.21 -13.37
C PRO A 150 -6.28 -50.77 -12.84
N ALA A 151 -6.26 -51.35 -11.65
CA ALA A 151 -7.45 -51.92 -11.04
C ALA A 151 -8.27 -50.85 -10.34
N GLY A 152 -7.59 -49.87 -9.77
CA GLY A 152 -8.30 -48.81 -9.12
C GLY A 152 -7.94 -48.68 -7.66
N ARG A 153 -6.90 -49.39 -7.26
CA ARG A 153 -6.47 -49.35 -5.87
C ARG A 153 -5.47 -48.22 -5.65
N PRO A 154 -5.54 -47.55 -4.50
CA PRO A 154 -4.65 -46.44 -4.16
C PRO A 154 -3.18 -46.75 -4.41
N LEU A 155 -2.49 -45.83 -5.08
CA LEU A 155 -1.08 -46.01 -5.39
C LEU A 155 -0.30 -44.75 -5.00
N LEU A 156 0.38 -44.80 -3.87
CA LEU A 156 1.15 -43.66 -3.38
C LEU A 156 2.49 -43.58 -4.09
N LEU A 157 2.66 -42.54 -4.92
CA LEU A 157 3.88 -42.35 -5.67
C LEU A 157 5.01 -41.93 -4.75
N THR A 158 6.24 -41.95 -5.29
CA THR A 158 7.41 -41.56 -4.51
C THR A 158 7.50 -40.04 -4.40
N PRO A 159 7.57 -39.53 -3.16
CA PRO A 159 7.65 -38.08 -2.91
C PRO A 159 8.79 -37.39 -3.65
N VAL A 160 8.51 -36.21 -4.18
CA VAL A 160 9.53 -35.46 -4.90
C VAL A 160 9.78 -34.11 -4.25
N LEU A 161 11.02 -33.66 -4.28
CA LEU A 161 11.36 -32.38 -3.69
C LEU A 161 11.66 -31.30 -4.70
N SER A 162 11.27 -30.07 -4.38
CA SER A 162 11.51 -28.95 -5.26
C SER A 162 12.72 -28.13 -4.79
N HIS A 163 13.22 -27.27 -5.65
CA HIS A 163 14.35 -26.41 -5.31
C HIS A 163 13.99 -25.53 -4.09
N PRO A 164 14.96 -25.29 -3.20
CA PRO A 164 14.77 -24.47 -2.01
C PRO A 164 14.24 -23.06 -2.30
N ILE A 165 13.31 -22.60 -1.47
CA ILE A 165 12.73 -21.27 -1.60
C ILE A 165 13.18 -20.47 -0.38
N PHE A 166 14.08 -19.51 -0.59
CA PHE A 166 14.59 -18.69 0.49
C PHE A 166 13.67 -17.51 0.81
N ASP A 167 13.83 -16.94 2.01
CA ASP A 167 13.02 -15.82 2.44
C ASP A 167 13.71 -14.52 2.10
N ASN A 168 12.95 -13.57 1.56
CA ASN A 168 13.47 -12.26 1.18
C ASN A 168 13.47 -11.29 2.36
N ARG A 169 14.32 -11.57 3.34
CA ARG A 169 14.45 -10.74 4.54
C ARG A 169 15.89 -10.81 5.03
N ALA A 170 16.55 -11.93 4.72
CA ALA A 170 17.94 -12.12 5.12
C ALA A 170 18.87 -11.68 4.00
N PRO A 171 19.70 -10.66 4.26
CA PRO A 171 20.67 -10.11 3.30
C PRO A 171 21.56 -11.16 2.61
N ASN A 172 21.65 -12.36 3.18
CA ASN A 172 22.50 -13.40 2.60
C ASN A 172 21.77 -14.30 1.60
N THR A 173 20.47 -14.53 1.85
CA THR A 173 19.68 -15.37 0.96
C THR A 173 18.74 -14.54 0.10
N ALA A 174 18.55 -13.28 0.49
CA ALA A 174 17.67 -12.38 -0.25
C ALA A 174 18.13 -12.25 -1.69
N GLU A 175 17.33 -11.57 -2.50
CA GLU A 175 17.66 -11.40 -3.90
C GLU A 175 18.40 -10.09 -4.14
N LEU A 176 19.46 -10.16 -4.94
CA LEU A 176 20.28 -8.98 -5.25
C LEU A 176 19.66 -8.12 -6.35
N LYS A 177 19.63 -6.81 -6.13
CA LYS A 177 19.09 -5.90 -7.14
C LYS A 177 19.58 -4.46 -6.99
N ILE A 178 20.09 -3.91 -8.08
CA ILE A 178 20.57 -2.55 -8.06
C ILE A 178 19.39 -1.63 -8.35
N CYS A 179 19.19 -0.64 -7.49
CA CYS A 179 18.07 0.26 -7.67
C CYS A 179 18.41 1.54 -8.43
N ARG A 180 19.49 2.22 -8.04
CA ARG A 180 19.83 3.47 -8.69
C ARG A 180 21.34 3.67 -8.66
N VAL A 181 21.83 4.49 -9.59
CA VAL A 181 23.25 4.81 -9.68
C VAL A 181 23.46 6.27 -10.07
N ASN A 182 24.51 6.88 -9.52
CA ASN A 182 24.84 8.29 -9.80
C ASN A 182 25.34 8.48 -11.23
N ARG A 183 25.98 7.46 -11.79
CA ARG A 183 26.49 7.54 -13.15
C ARG A 183 26.68 6.16 -13.73
N ASN A 184 26.48 6.02 -15.04
CA ASN A 184 26.63 4.73 -15.70
C ASN A 184 27.74 4.76 -16.78
N SER A 185 28.74 5.60 -16.59
CA SER A 185 29.83 5.71 -17.55
C SER A 185 31.06 6.29 -16.88
N GLY A 186 32.23 5.81 -17.28
CA GLY A 186 33.47 6.33 -16.71
C GLY A 186 34.69 6.04 -17.57
N SER A 187 35.84 6.61 -17.19
CA SER A 187 37.07 6.39 -17.94
C SER A 187 37.43 4.90 -18.04
N CYS A 188 38.10 4.52 -19.13
CA CYS A 188 38.51 3.13 -19.34
C CYS A 188 39.60 2.77 -18.33
N LEU A 189 40.18 3.79 -17.70
CA LEU A 189 41.21 3.57 -16.67
C LEU A 189 40.57 3.27 -15.31
N GLY A 190 39.29 3.64 -15.17
CA GLY A 190 38.59 3.39 -13.92
C GLY A 190 38.97 4.40 -12.86
N GLY A 191 38.52 4.15 -11.64
CA GLY A 191 38.83 5.04 -10.54
C GLY A 191 37.72 6.04 -10.28
N ASP A 192 36.62 5.90 -10.99
CA ASP A 192 35.49 6.82 -10.80
C ASP A 192 34.56 6.36 -9.67
N GLU A 193 34.36 7.23 -8.67
CA GLU A 193 33.50 6.91 -7.53
C GLU A 193 32.07 6.66 -7.98
N ILE A 194 31.49 5.56 -7.51
CA ILE A 194 30.13 5.21 -7.89
C ILE A 194 29.25 5.04 -6.67
N PHE A 195 28.12 5.76 -6.66
CA PHE A 195 27.15 5.66 -5.57
C PHE A 195 25.95 4.88 -6.05
N LEU A 196 25.96 3.58 -5.79
CA LEU A 196 24.82 2.76 -6.21
C LEU A 196 23.99 2.33 -5.01
N LEU A 197 22.67 2.35 -5.16
CA LEU A 197 21.76 1.95 -4.08
C LEU A 197 21.15 0.62 -4.43
N CYS A 198 21.02 -0.26 -3.45
CA CYS A 198 20.43 -1.57 -3.71
C CYS A 198 19.65 -2.03 -2.50
N ASP A 199 19.34 -3.33 -2.46
CA ASP A 199 18.62 -3.92 -1.34
C ASP A 199 19.57 -4.44 -0.26
N LYS A 200 19.00 -4.89 0.85
CA LYS A 200 19.78 -5.41 1.97
C LYS A 200 20.84 -6.37 1.47
N VAL A 201 22.11 -6.13 1.83
CA VAL A 201 23.20 -7.01 1.41
C VAL A 201 24.20 -7.18 2.56
N GLN A 202 25.05 -8.19 2.47
CA GLN A 202 26.07 -8.46 3.49
C GLN A 202 27.33 -7.71 3.07
N LYS A 203 27.81 -6.78 3.90
CA LYS A 203 29.01 -6.02 3.56
C LYS A 203 30.24 -6.92 3.56
N GLU A 204 30.14 -8.07 4.21
CA GLU A 204 31.26 -9.00 4.26
C GLU A 204 31.11 -10.04 3.15
N ASP A 205 30.01 -9.94 2.41
CA ASP A 205 29.73 -10.87 1.33
C ASP A 205 28.94 -10.23 0.19
N ILE A 206 29.61 -9.38 -0.58
CA ILE A 206 28.99 -8.69 -1.72
C ILE A 206 30.07 -8.03 -2.55
N GLU A 207 29.81 -7.84 -3.84
CA GLU A 207 30.80 -7.19 -4.68
C GLU A 207 30.22 -6.71 -5.99
N VAL A 208 30.78 -5.64 -6.54
CA VAL A 208 30.30 -5.10 -7.80
C VAL A 208 31.06 -5.83 -8.89
N TYR A 209 30.33 -6.70 -9.58
CA TYR A 209 30.88 -7.54 -10.64
C TYR A 209 30.68 -6.97 -12.04
N PHE A 210 31.79 -6.69 -12.73
CA PHE A 210 31.75 -6.18 -14.11
C PHE A 210 32.06 -7.30 -15.10
N THR A 211 31.31 -7.35 -16.19
CA THR A 211 31.51 -8.37 -17.22
C THR A 211 31.39 -7.84 -18.64
N GLY A 212 32.01 -8.55 -19.57
CA GLY A 212 31.97 -8.14 -20.96
C GLY A 212 32.45 -9.26 -21.87
N PRO A 213 33.05 -8.93 -23.01
CA PRO A 213 33.54 -9.95 -23.95
C PRO A 213 34.75 -10.71 -23.39
N GLY A 214 34.50 -11.83 -22.73
CA GLY A 214 35.57 -12.61 -22.16
C GLY A 214 36.42 -11.78 -21.21
N TRP A 215 35.73 -10.97 -20.41
CA TRP A 215 36.38 -10.09 -19.45
C TRP A 215 35.52 -9.93 -18.21
N GLU A 216 36.16 -9.65 -17.08
CA GLU A 216 35.44 -9.45 -15.83
C GLU A 216 36.31 -8.81 -14.76
N ALA A 217 35.88 -7.65 -14.28
CA ALA A 217 36.59 -6.93 -13.23
C ALA A 217 35.73 -6.84 -11.97
N ARG A 218 36.16 -6.03 -11.02
CA ARG A 218 35.41 -5.89 -9.79
C ARG A 218 35.53 -4.49 -9.20
N GLY A 219 34.48 -4.01 -8.55
CA GLY A 219 34.53 -2.70 -7.93
C GLY A 219 35.44 -2.69 -6.70
N SER A 220 36.03 -1.53 -6.42
CA SER A 220 36.92 -1.41 -5.28
C SER A 220 36.23 -0.68 -4.14
N PHE A 221 36.16 -1.34 -2.99
CA PHE A 221 35.55 -0.74 -1.80
C PHE A 221 35.71 -1.63 -0.58
N SER A 222 35.96 -1.01 0.57
CA SER A 222 36.11 -1.74 1.81
C SER A 222 34.74 -1.90 2.46
N GLN A 223 34.66 -2.71 3.49
CA GLN A 223 33.39 -2.92 4.17
C GLN A 223 32.80 -1.60 4.68
N ALA A 224 33.69 -0.65 4.98
CA ALA A 224 33.27 0.65 5.49
C ALA A 224 32.60 1.49 4.40
N ASP A 225 32.58 0.97 3.18
CA ASP A 225 31.96 1.67 2.09
C ASP A 225 30.50 1.26 1.87
N VAL A 226 30.03 0.28 2.64
CA VAL A 226 28.66 -0.19 2.54
C VAL A 226 27.82 0.53 3.59
N HIS A 227 26.94 1.42 3.14
CA HIS A 227 26.09 2.19 4.05
C HIS A 227 24.77 1.50 4.32
N ARG A 228 24.54 1.14 5.58
CA ARG A 228 23.32 0.45 6.02
C ARG A 228 22.83 -0.70 5.14
N GLN A 229 23.76 -1.43 4.54
CA GLN A 229 23.42 -2.57 3.68
C GLN A 229 22.56 -2.26 2.46
N VAL A 230 22.33 -0.98 2.17
CA VAL A 230 21.52 -0.62 1.01
C VAL A 230 22.21 0.36 0.05
N ALA A 231 23.43 0.73 0.37
CA ALA A 231 24.20 1.66 -0.46
C ALA A 231 25.67 1.28 -0.46
N ILE A 232 26.29 1.37 -1.64
CA ILE A 232 27.70 1.04 -1.75
C ILE A 232 28.47 2.06 -2.56
N VAL A 233 29.47 2.67 -1.94
CA VAL A 233 30.29 3.63 -2.65
C VAL A 233 31.59 2.96 -3.04
N PHE A 234 31.77 2.70 -4.34
CA PHE A 234 32.98 2.03 -4.84
C PHE A 234 33.65 2.74 -6.01
N ARG A 235 34.82 2.23 -6.41
CA ARG A 235 35.57 2.81 -7.51
C ARG A 235 35.51 1.87 -8.71
N THR A 236 35.36 2.44 -9.89
CA THR A 236 35.29 1.64 -11.11
C THR A 236 36.66 1.04 -11.46
N PRO A 237 36.69 -0.25 -11.78
CA PRO A 237 37.95 -0.94 -12.14
C PRO A 237 38.37 -0.58 -13.55
N PRO A 238 39.67 -0.62 -13.84
CA PRO A 238 40.15 -0.29 -15.18
C PRO A 238 39.70 -1.34 -16.21
N TYR A 239 39.28 -0.86 -17.38
CA TYR A 239 38.83 -1.76 -18.45
C TYR A 239 40.02 -2.47 -19.13
N ALA A 240 39.78 -3.70 -19.59
CA ALA A 240 40.81 -4.50 -20.23
C ALA A 240 41.67 -3.66 -21.17
N ASP A 241 41.02 -2.79 -21.93
CA ASP A 241 41.71 -1.90 -22.87
C ASP A 241 41.97 -0.56 -22.20
N PRO A 242 43.19 -0.36 -21.67
CA PRO A 242 43.53 0.90 -21.00
C PRO A 242 43.69 2.05 -21.98
N SER A 243 43.13 1.89 -23.18
CA SER A 243 43.20 2.96 -24.17
C SER A 243 42.36 2.66 -25.40
N LEU A 244 41.05 2.51 -25.20
CA LEU A 244 40.17 2.22 -26.31
C LEU A 244 39.87 3.47 -27.13
N GLN A 245 39.53 3.26 -28.40
CA GLN A 245 39.23 4.35 -29.32
C GLN A 245 37.82 4.89 -29.10
N ALA A 246 36.84 3.99 -29.17
CA ALA A 246 35.43 4.35 -28.97
C ALA A 246 34.88 3.74 -27.67
N PRO A 247 33.74 4.26 -27.19
CA PRO A 247 33.13 3.76 -25.97
C PRO A 247 32.67 2.32 -26.08
N VAL A 248 32.82 1.57 -24.98
CA VAL A 248 32.43 0.17 -24.93
C VAL A 248 31.46 -0.08 -23.78
N ARG A 249 30.32 -0.67 -24.09
CA ARG A 249 29.32 -0.93 -23.06
C ARG A 249 29.42 -2.34 -22.50
N VAL A 250 29.62 -2.40 -21.17
CA VAL A 250 29.73 -3.68 -20.46
C VAL A 250 28.59 -3.86 -19.45
N SER A 251 28.50 -5.05 -18.86
CA SER A 251 27.44 -5.31 -17.90
C SER A 251 27.93 -5.23 -16.47
N MET A 252 27.20 -4.50 -15.65
CA MET A 252 27.54 -4.34 -14.23
C MET A 252 26.45 -4.97 -13.37
N GLN A 253 26.83 -5.58 -12.26
CA GLN A 253 25.83 -6.19 -11.39
C GLN A 253 26.42 -6.60 -10.06
N LEU A 254 25.56 -6.77 -9.06
CA LEU A 254 25.98 -7.18 -7.73
C LEU A 254 26.23 -8.71 -7.70
N ARG A 255 27.25 -9.11 -6.96
CA ARG A 255 27.57 -10.53 -6.86
C ARG A 255 27.81 -10.90 -5.40
N ARG A 256 27.38 -12.11 -5.04
CA ARG A 256 27.53 -12.61 -3.68
C ARG A 256 28.36 -13.88 -3.69
N PRO A 257 29.68 -13.76 -3.46
CA PRO A 257 30.65 -14.86 -3.43
C PRO A 257 30.19 -16.13 -2.73
N SER A 258 29.42 -15.99 -1.65
CA SER A 258 28.92 -17.15 -0.89
C SER A 258 28.28 -18.19 -1.82
N ASP A 259 27.19 -17.79 -2.49
CA ASP A 259 26.48 -18.67 -3.39
C ASP A 259 26.63 -18.19 -4.83
N ARG A 260 27.71 -17.46 -5.08
CA ARG A 260 28.02 -16.90 -6.40
C ARG A 260 26.74 -16.45 -7.14
N GLU A 261 25.83 -15.84 -6.40
CA GLU A 261 24.58 -15.35 -6.97
C GLU A 261 24.81 -13.97 -7.61
N LEU A 262 23.99 -13.62 -8.59
CA LEU A 262 24.12 -12.35 -9.28
C LEU A 262 22.81 -11.57 -9.27
N SER A 263 22.90 -10.27 -9.50
CA SER A 263 21.72 -9.42 -9.55
C SER A 263 21.39 -9.18 -11.03
N GLU A 264 20.39 -8.35 -11.30
CA GLU A 264 20.02 -8.08 -12.69
C GLU A 264 21.13 -7.24 -13.32
N PRO A 265 21.55 -7.60 -14.55
CA PRO A 265 22.61 -6.86 -15.24
C PRO A 265 22.25 -5.40 -15.51
N MET A 266 23.26 -4.54 -15.53
CA MET A 266 23.02 -3.12 -15.79
C MET A 266 24.03 -2.61 -16.81
N GLU A 267 23.54 -1.89 -17.81
CA GLU A 267 24.40 -1.36 -18.86
C GLU A 267 25.39 -0.33 -18.31
N PHE A 268 26.65 -0.41 -18.72
CA PHE A 268 27.66 0.54 -18.29
C PHE A 268 28.71 0.69 -19.39
N GLN A 269 28.78 1.87 -20.00
CA GLN A 269 29.73 2.10 -21.08
C GLN A 269 31.02 2.75 -20.60
N TYR A 270 32.14 2.24 -21.09
CA TYR A 270 33.45 2.78 -20.73
C TYR A 270 33.82 3.85 -21.75
N LEU A 271 34.38 4.95 -21.25
CA LEU A 271 34.81 6.07 -22.09
C LEU A 271 36.33 6.25 -22.06
N PRO A 272 36.94 6.49 -23.22
CA PRO A 272 38.38 6.69 -23.29
C PRO A 272 38.79 8.00 -22.62
N ASP A 273 39.96 8.01 -21.96
CA ASP A 273 40.47 9.22 -21.29
C ASP A 273 40.57 10.42 -22.25
N PRO B 1 9.27 26.80 51.14
CA PRO B 1 10.24 25.86 50.54
C PRO B 1 9.83 25.53 49.12
N TYR B 2 10.79 25.51 48.21
CA TYR B 2 10.48 25.21 46.82
C TYR B 2 11.59 24.38 46.21
N VAL B 3 11.27 23.68 45.12
CA VAL B 3 12.25 22.84 44.44
C VAL B 3 12.72 23.52 43.18
N GLU B 4 14.03 23.49 42.95
CA GLU B 4 14.63 24.11 41.78
C GLU B 4 15.54 23.14 41.05
N ILE B 5 15.35 23.02 39.74
CA ILE B 5 16.20 22.15 38.95
C ILE B 5 17.55 22.82 38.64
N ILE B 6 18.61 22.26 39.22
CA ILE B 6 19.94 22.78 39.01
C ILE B 6 20.52 22.21 37.72
N GLU B 7 20.39 20.89 37.55
CA GLU B 7 20.92 20.21 36.37
C GLU B 7 19.84 19.48 35.58
N GLN B 8 19.37 20.08 34.47
CA GLN B 8 18.35 19.45 33.64
C GLN B 8 18.90 18.18 32.99
N PRO B 9 18.01 17.25 32.63
CA PRO B 9 18.45 16.00 32.00
C PRO B 9 18.70 16.23 30.51
N LYS B 10 19.63 15.48 29.93
CA LYS B 10 19.93 15.64 28.51
C LYS B 10 18.72 15.25 27.66
N GLN B 11 18.28 16.13 26.76
CA GLN B 11 17.13 15.81 25.95
C GLN B 11 17.36 14.65 24.97
N ARG B 12 18.29 14.82 24.04
CA ARG B 12 18.59 13.77 23.06
C ARG B 12 19.77 12.89 23.47
N GLY B 13 20.03 11.85 22.70
CA GLY B 13 21.13 10.97 23.02
C GLY B 13 20.72 9.59 23.49
N MET B 14 20.20 9.51 24.71
CA MET B 14 19.76 8.24 25.28
C MET B 14 18.46 7.75 24.65
N ARG B 15 18.28 6.44 24.62
CA ARG B 15 17.07 5.87 24.03
C ARG B 15 16.37 4.95 25.04
N PHE B 16 15.06 4.85 24.90
CA PHE B 16 14.23 4.04 25.79
C PHE B 16 14.38 2.55 25.54
N ARG B 17 14.89 1.83 26.53
CA ARG B 17 15.08 0.39 26.43
C ARG B 17 13.83 -0.34 26.94
N TYR B 18 13.50 -1.48 26.35
CA TYR B 18 12.32 -2.22 26.79
C TYR B 18 12.69 -3.09 27.95
N LYS B 19 11.67 -3.75 28.52
CA LYS B 19 11.83 -4.67 29.66
C LYS B 19 12.83 -5.79 29.30
N CYS B 20 12.71 -6.32 28.09
CA CYS B 20 13.59 -7.40 27.61
C CYS B 20 15.06 -7.01 27.69
N GLU B 21 15.39 -5.86 27.14
CA GLU B 21 16.76 -5.37 27.16
C GLU B 21 17.21 -5.12 28.61
N GLY B 22 18.16 -5.91 29.09
CA GLY B 22 18.66 -5.74 30.45
C GLY B 22 20.06 -5.16 30.51
N ARG B 23 21.03 -5.89 29.96
CA ARG B 23 22.44 -5.48 29.95
C ARG B 23 22.66 -3.97 30.07
N SER B 24 22.13 -3.21 29.11
CA SER B 24 22.29 -1.76 29.12
C SER B 24 21.21 -1.12 29.99
N ALA B 25 21.48 -1.01 31.28
CA ALA B 25 20.52 -0.40 32.20
C ALA B 25 20.15 1.01 31.77
N GLY B 26 21.15 1.89 31.71
CA GLY B 26 20.93 3.27 31.32
C GLY B 26 20.84 4.22 32.51
N SER B 27 21.41 5.41 32.33
CA SER B 27 21.38 6.43 33.36
C SER B 27 21.30 7.84 32.76
N ILE B 28 20.13 8.47 32.86
CA ILE B 28 19.93 9.84 32.35
C ILE B 28 21.02 10.81 32.83
N PRO B 29 21.85 11.30 31.89
CA PRO B 29 22.91 12.23 32.26
C PRO B 29 22.41 13.69 32.27
N GLY B 30 23.23 14.58 32.81
CA GLY B 30 22.86 15.98 32.82
C GLY B 30 23.13 16.65 31.48
N GLU B 31 22.34 17.66 31.15
CA GLU B 31 22.52 18.36 29.89
C GLU B 31 23.89 19.01 29.79
N ARG B 32 24.48 19.35 30.93
CA ARG B 32 25.80 19.97 30.96
C ARG B 32 26.88 18.95 31.31
N SER B 33 26.78 17.77 30.74
CA SER B 33 27.75 16.72 31.00
C SER B 33 28.60 16.43 29.77
N THR B 34 29.75 15.80 29.98
CA THR B 34 30.68 15.45 28.91
C THR B 34 31.33 14.11 29.24
N ASP B 35 32.16 13.61 28.31
CA ASP B 35 32.85 12.34 28.50
C ASP B 35 33.85 12.40 29.66
N THR B 36 34.44 13.56 29.85
CA THR B 36 35.42 13.73 30.92
C THR B 36 34.80 14.03 32.27
N THR B 37 33.57 14.52 32.26
CA THR B 37 32.86 14.86 33.50
C THR B 37 31.37 14.53 33.39
N LYS B 38 30.99 13.35 33.88
CA LYS B 38 29.59 12.93 33.84
C LYS B 38 28.76 13.57 34.95
N THR B 39 27.74 14.33 34.56
CA THR B 39 26.85 15.00 35.50
C THR B 39 25.47 14.37 35.36
N HIS B 40 24.65 14.47 36.40
CA HIS B 40 23.33 13.86 36.34
C HIS B 40 22.25 14.81 36.83
N PRO B 41 20.98 14.53 36.46
CA PRO B 41 19.84 15.37 36.88
C PRO B 41 19.91 15.73 38.35
N THR B 42 20.12 17.01 38.63
CA THR B 42 20.21 17.49 40.00
C THR B 42 19.15 18.55 40.32
N ILE B 43 18.62 18.53 41.53
CA ILE B 43 17.62 19.51 41.95
C ILE B 43 18.12 20.17 43.21
N LYS B 44 17.47 21.25 43.62
CA LYS B 44 17.85 21.97 44.83
C LYS B 44 16.63 22.41 45.61
N ILE B 45 16.68 22.21 46.91
CA ILE B 45 15.58 22.59 47.78
C ILE B 45 16.02 23.81 48.57
N ASN B 46 15.31 24.91 48.37
CA ASN B 46 15.63 26.14 49.07
C ASN B 46 14.54 26.45 50.07
N GLY B 47 14.94 26.60 51.33
CA GLY B 47 14.00 26.90 52.39
C GLY B 47 13.84 25.72 53.32
N TYR B 48 14.74 24.75 53.19
CA TYR B 48 14.73 23.56 54.02
C TYR B 48 15.97 22.73 53.71
N THR B 49 16.53 22.09 54.73
CA THR B 49 17.73 21.30 54.52
C THR B 49 17.78 20.13 55.48
N GLY B 50 16.62 19.71 55.98
CA GLY B 50 16.56 18.59 56.90
C GLY B 50 15.99 17.31 56.28
N PRO B 51 15.45 16.40 57.10
CA PRO B 51 14.87 15.14 56.63
C PRO B 51 13.74 15.34 55.61
N GLY B 52 13.56 14.36 54.73
CA GLY B 52 12.51 14.43 53.72
C GLY B 52 12.60 13.33 52.69
N THR B 53 11.66 13.32 51.76
CA THR B 53 11.64 12.30 50.71
C THR B 53 11.34 12.87 49.32
N VAL B 54 11.91 12.26 48.29
CA VAL B 54 11.68 12.74 46.93
C VAL B 54 11.10 11.66 46.04
N ARG B 55 10.07 12.02 45.27
CA ARG B 55 9.40 11.09 44.36
C ARG B 55 9.54 11.61 42.93
N ILE B 56 10.06 10.78 42.02
CA ILE B 56 10.22 11.20 40.62
C ILE B 56 9.42 10.31 39.72
N SER B 57 8.53 10.91 38.94
CA SER B 57 7.70 10.13 38.03
C SER B 57 7.80 10.65 36.61
N LEU B 58 7.12 9.98 35.69
CA LEU B 58 7.13 10.40 34.28
C LEU B 58 5.78 10.92 33.79
N VAL B 59 5.77 12.10 33.18
CA VAL B 59 4.53 12.63 32.65
C VAL B 59 4.70 13.00 31.18
N THR B 60 3.59 13.28 30.52
CA THR B 60 3.61 13.67 29.11
C THR B 60 4.29 15.04 28.92
N LYS B 61 4.73 15.34 27.70
CA LYS B 61 5.39 16.61 27.45
C LYS B 61 4.42 17.68 27.00
N ASP B 62 3.14 17.36 26.96
CA ASP B 62 2.12 18.31 26.54
C ASP B 62 1.46 18.96 27.75
N PRO B 63 0.74 20.08 27.54
CA PRO B 63 0.08 20.80 28.63
C PRO B 63 -0.53 19.89 29.71
N PRO B 64 -1.44 18.98 29.33
CA PRO B 64 -2.04 18.11 30.36
C PRO B 64 -1.00 17.05 30.76
N HIS B 65 -0.17 17.37 31.75
CA HIS B 65 0.89 16.48 32.21
C HIS B 65 0.34 15.26 32.91
N ARG B 66 -0.13 14.31 32.12
CA ARG B 66 -0.72 13.07 32.65
C ARG B 66 0.36 12.03 32.96
N PRO B 67 0.06 11.07 33.85
CA PRO B 67 1.04 10.03 34.18
C PRO B 67 1.43 9.29 32.91
N HIS B 68 2.72 9.29 32.57
CA HIS B 68 3.16 8.62 31.35
C HIS B 68 3.25 7.12 31.59
N PRO B 69 2.86 6.33 30.57
CA PRO B 69 2.88 4.86 30.64
C PRO B 69 4.25 4.22 30.90
N HIS B 70 5.31 4.84 30.38
CA HIS B 70 6.65 4.30 30.58
C HIS B 70 6.99 4.21 32.06
N GLU B 71 7.93 3.33 32.38
CA GLU B 71 8.36 3.14 33.77
C GLU B 71 9.72 3.77 34.02
N LEU B 72 10.02 4.02 35.28
CA LEU B 72 11.29 4.62 35.64
C LEU B 72 12.11 3.60 36.41
N VAL B 73 12.87 2.79 35.69
CA VAL B 73 13.69 1.75 36.30
C VAL B 73 15.01 2.30 36.86
N GLY B 74 15.57 1.56 37.82
CA GLY B 74 16.81 1.96 38.45
C GLY B 74 16.78 1.79 39.96
N LYS B 75 17.84 2.20 40.62
CA LYS B 75 17.90 2.07 42.08
C LYS B 75 16.81 2.91 42.75
N ASP B 76 16.16 2.33 43.77
CA ASP B 76 15.09 3.02 44.50
C ASP B 76 13.87 3.33 43.64
N CYS B 77 13.64 2.49 42.64
CA CYS B 77 12.50 2.68 41.76
C CYS B 77 11.52 1.54 41.93
N ARG B 78 10.25 1.85 41.68
CA ARG B 78 9.19 0.87 41.81
C ARG B 78 7.87 1.38 41.24
N ASP B 79 7.23 0.54 40.43
CA ASP B 79 5.94 0.87 39.84
C ASP B 79 6.02 2.06 38.92
N GLY B 80 7.08 2.10 38.11
CA GLY B 80 7.27 3.15 37.14
C GLY B 80 7.80 4.48 37.66
N TYR B 81 7.96 4.59 38.98
CA TYR B 81 8.44 5.82 39.56
C TYR B 81 9.58 5.61 40.51
N TYR B 82 10.31 6.70 40.76
CA TYR B 82 11.44 6.69 41.67
C TYR B 82 11.02 7.33 42.99
N GLU B 83 11.66 6.92 44.07
CA GLU B 83 11.33 7.47 45.38
C GLU B 83 12.32 7.02 46.43
N ALA B 84 12.79 7.98 47.22
CA ALA B 84 13.76 7.70 48.27
C ALA B 84 13.89 8.90 49.21
N ASP B 85 14.70 8.74 50.26
CA ASP B 85 14.92 9.80 51.23
C ASP B 85 16.22 10.50 50.86
N LEU B 86 16.17 11.83 50.74
CA LEU B 86 17.35 12.61 50.38
C LEU B 86 18.14 12.98 51.64
N CYS B 87 19.43 13.27 51.48
CA CYS B 87 20.31 13.66 52.58
C CYS B 87 19.74 14.83 53.39
N PRO B 88 19.53 14.61 54.70
CA PRO B 88 18.99 15.61 55.62
C PRO B 88 20.04 16.66 56.01
N ASP B 89 21.12 16.73 55.23
CA ASP B 89 22.18 17.67 55.49
C ASP B 89 22.75 18.25 54.19
N ARG B 90 21.91 18.27 53.15
CA ARG B 90 22.29 18.79 51.83
C ARG B 90 21.05 19.40 51.16
N SER B 91 21.23 20.56 50.53
CA SER B 91 20.11 21.21 49.85
C SER B 91 20.10 20.82 48.38
N ILE B 92 21.21 20.30 47.90
CA ILE B 92 21.33 19.88 46.51
C ILE B 92 21.37 18.37 46.43
N HIS B 93 20.53 17.81 45.55
CA HIS B 93 20.46 16.36 45.40
C HIS B 93 20.50 15.97 43.93
N SER B 94 21.41 15.07 43.59
CA SER B 94 21.55 14.61 42.21
C SER B 94 21.07 13.15 42.08
N PHE B 95 20.64 12.76 40.88
CA PHE B 95 20.18 11.40 40.66
C PHE B 95 20.89 10.81 39.45
N GLN B 96 21.69 9.77 39.71
CA GLN B 96 22.47 9.11 38.65
C GLN B 96 22.13 7.64 38.49
N ASN B 97 20.85 7.29 38.61
CA ASN B 97 20.44 5.89 38.49
C ASN B 97 19.10 5.78 37.77
N LEU B 98 18.53 6.93 37.42
CA LEU B 98 17.24 6.97 36.72
C LEU B 98 17.33 6.41 35.31
N GLY B 99 16.41 5.51 34.99
CA GLY B 99 16.36 4.88 33.68
C GLY B 99 14.96 4.79 33.13
N ILE B 100 14.82 5.08 31.83
CA ILE B 100 13.54 5.05 31.17
C ILE B 100 13.30 3.72 30.47
N GLN B 101 12.33 2.97 30.97
CA GLN B 101 11.95 1.68 30.40
C GLN B 101 10.61 1.79 29.68
N CYS B 102 10.65 1.94 28.37
CA CYS B 102 9.43 2.08 27.58
C CYS B 102 8.63 0.79 27.59
N VAL B 103 7.30 0.93 27.68
CA VAL B 103 6.43 -0.23 27.71
C VAL B 103 5.89 -0.52 26.32
N LYS B 104 5.45 -1.77 26.09
CA LYS B 104 4.93 -2.17 24.78
C LYS B 104 3.46 -1.78 24.64
N LYS B 105 3.07 -1.48 23.42
CA LYS B 105 1.70 -1.08 23.13
C LYS B 105 0.69 -2.06 23.69
N ARG B 106 1.04 -3.33 23.70
CA ARG B 106 0.13 -4.34 24.21
C ARG B 106 -0.15 -4.15 25.70
N ASP B 107 0.89 -3.80 26.44
CA ASP B 107 0.77 -3.61 27.88
C ASP B 107 0.60 -2.14 28.22
N LEU B 108 0.23 -1.34 27.23
CA LEU B 108 0.06 0.09 27.43
C LEU B 108 -1.19 0.44 28.20
N GLU B 109 -2.27 -0.28 27.94
CA GLU B 109 -3.53 -0.04 28.65
C GLU B 109 -3.38 -0.28 30.14
N GLN B 110 -2.80 -1.42 30.52
CA GLN B 110 -2.66 -1.75 31.93
C GLN B 110 -1.70 -0.81 32.61
N ALA B 111 -0.69 -0.40 31.88
CA ALA B 111 0.31 0.52 32.43
C ALA B 111 -0.35 1.76 33.01
N ILE B 112 -1.30 2.33 32.27
CA ILE B 112 -2.00 3.53 32.72
C ILE B 112 -2.77 3.23 34.00
N SER B 113 -3.39 2.05 34.04
CA SER B 113 -4.13 1.62 35.23
C SER B 113 -3.21 1.59 36.43
N GLN B 114 -2.02 1.00 36.28
CA GLN B 114 -1.06 0.93 37.37
C GLN B 114 -0.70 2.34 37.85
N ARG B 115 -0.57 3.27 36.91
CA ARG B 115 -0.23 4.66 37.25
C ARG B 115 -1.30 5.22 38.18
N ILE B 116 -2.55 4.89 37.88
CA ILE B 116 -3.66 5.40 38.68
C ILE B 116 -3.85 4.59 39.96
N GLN B 117 -3.77 3.27 39.83
CA GLN B 117 -3.95 2.40 40.98
C GLN B 117 -2.97 2.71 42.12
N THR B 118 -1.82 3.27 41.77
CA THR B 118 -0.80 3.61 42.76
C THR B 118 -0.74 5.12 43.00
N ASN B 119 -1.73 5.82 42.46
CA ASN B 119 -1.82 7.26 42.58
C ASN B 119 -0.51 7.91 42.11
N ASN B 120 -0.13 7.64 40.87
CA ASN B 120 1.08 8.20 40.29
C ASN B 120 0.73 9.45 39.48
N ASN B 121 -0.30 10.16 39.92
CA ASN B 121 -0.76 11.36 39.24
C ASN B 121 -0.41 12.62 40.03
N PRO B 122 0.71 13.27 39.68
CA PRO B 122 1.16 14.49 40.35
C PRO B 122 0.41 15.77 39.96
N PHE B 123 -0.39 15.71 38.91
CA PHE B 123 -1.10 16.90 38.51
C PHE B 123 -2.61 16.73 38.67
N HIS B 124 -3.02 15.68 39.38
CA HIS B 124 -4.43 15.40 39.61
C HIS B 124 -5.32 15.60 38.37
N VAL B 125 -4.90 15.03 37.25
CA VAL B 125 -5.66 15.13 36.02
C VAL B 125 -6.74 14.05 36.00
N PRO B 126 -7.99 14.44 35.71
CA PRO B 126 -9.11 13.49 35.66
C PRO B 126 -8.84 12.28 34.77
N ILE B 127 -9.13 11.09 35.32
CA ILE B 127 -8.92 9.85 34.59
C ILE B 127 -9.67 9.83 33.27
N GLU B 128 -10.57 10.79 33.09
CA GLU B 128 -11.34 10.92 31.86
C GLU B 128 -10.41 11.27 30.71
N GLU B 129 -9.35 12.01 31.03
CA GLU B 129 -8.39 12.43 30.03
C GLU B 129 -7.19 11.50 29.94
N GLN B 130 -7.22 10.43 30.71
CA GLN B 130 -6.12 9.47 30.71
C GLN B 130 -6.47 8.20 29.94
N ARG B 131 -6.98 8.35 28.73
CA ARG B 131 -7.36 7.18 27.94
C ARG B 131 -7.17 7.49 26.46
N GLY B 132 -6.90 8.76 26.17
CA GLY B 132 -6.71 9.17 24.79
C GLY B 132 -5.48 8.54 24.16
N ASP B 133 -4.79 9.31 23.34
CA ASP B 133 -3.59 8.80 22.68
C ASP B 133 -2.37 9.26 23.47
N TYR B 134 -1.29 8.50 23.38
CA TYR B 134 -0.07 8.82 24.10
C TYR B 134 1.16 8.90 23.20
N ASP B 135 2.03 9.84 23.48
CA ASP B 135 3.27 10.01 22.72
C ASP B 135 4.40 9.33 23.51
N LEU B 136 4.58 8.03 23.28
CA LEU B 136 5.58 7.27 24.01
C LEU B 136 7.01 7.42 23.50
N ASN B 137 7.30 8.58 22.93
CA ASN B 137 8.64 8.86 22.43
C ASN B 137 9.23 10.01 23.21
N ALA B 138 8.39 10.68 23.99
CA ALA B 138 8.82 11.83 24.78
C ALA B 138 8.27 11.74 26.18
N VAL B 139 9.04 12.23 27.16
CA VAL B 139 8.62 12.25 28.56
C VAL B 139 9.17 13.46 29.33
N ARG B 140 8.58 13.73 30.49
CA ARG B 140 9.03 14.82 31.35
C ARG B 140 9.20 14.25 32.76
N LEU B 141 10.26 14.65 33.43
CA LEU B 141 10.49 14.21 34.79
C LEU B 141 9.72 15.15 35.70
N CYS B 142 8.98 14.56 36.62
CA CYS B 142 8.20 15.30 37.59
C CYS B 142 8.73 15.06 39.01
N PHE B 143 9.46 16.04 39.51
CA PHE B 143 10.05 16.00 40.84
C PHE B 143 9.04 16.38 41.93
N GLN B 144 8.73 15.41 42.78
CA GLN B 144 7.78 15.58 43.88
C GLN B 144 8.48 15.48 45.23
N VAL B 145 8.94 16.62 45.74
CA VAL B 145 9.64 16.68 47.01
C VAL B 145 8.68 16.87 48.17
N THR B 146 8.93 16.15 49.26
CA THR B 146 8.11 16.24 50.46
C THR B 146 9.03 16.50 51.65
N VAL B 147 8.95 17.72 52.18
CA VAL B 147 9.78 18.11 53.32
C VAL B 147 8.91 18.11 54.58
N ARG B 148 9.41 18.76 55.62
CA ARG B 148 8.70 18.87 56.89
C ARG B 148 8.44 20.34 57.18
N ASP B 149 7.16 20.70 57.37
CA ASP B 149 6.77 22.07 57.66
C ASP B 149 7.54 22.60 58.87
N PRO B 150 7.49 23.91 59.12
CA PRO B 150 8.20 24.47 60.27
C PRO B 150 7.90 23.72 61.57
N ALA B 151 6.80 22.97 61.58
CA ALA B 151 6.41 22.20 62.76
C ALA B 151 7.21 20.91 62.78
N GLY B 152 6.92 20.03 61.83
CA GLY B 152 7.61 18.77 61.74
C GLY B 152 6.83 17.72 60.97
N ARG B 153 5.61 18.08 60.59
CA ARG B 153 4.74 17.18 59.85
C ARG B 153 5.04 17.26 58.36
N PRO B 154 4.77 16.17 57.63
CA PRO B 154 5.01 16.12 56.18
C PRO B 154 4.47 17.33 55.45
N LEU B 155 5.22 17.80 54.45
CA LEU B 155 4.81 18.96 53.67
C LEU B 155 5.18 18.82 52.18
N LEU B 156 4.25 18.31 51.38
CA LEU B 156 4.50 18.12 49.94
C LEU B 156 4.66 19.47 49.28
N LEU B 157 5.77 19.64 48.57
CA LEU B 157 6.05 20.89 47.89
C LEU B 157 5.44 20.90 46.48
N THR B 158 5.31 22.08 45.89
CA THR B 158 4.75 22.18 44.55
C THR B 158 5.60 21.44 43.54
N PRO B 159 5.00 20.46 42.86
CA PRO B 159 5.69 19.64 41.84
C PRO B 159 6.40 20.48 40.77
N VAL B 160 7.60 20.06 40.40
CA VAL B 160 8.39 20.76 39.39
C VAL B 160 8.72 19.84 38.23
N LEU B 161 8.43 20.30 37.02
CA LEU B 161 8.67 19.53 35.80
C LEU B 161 10.03 19.78 35.18
N SER B 162 10.52 18.84 34.37
CA SER B 162 11.83 18.99 33.74
C SER B 162 11.63 19.16 32.26
N HIS B 163 12.74 19.34 31.54
CA HIS B 163 12.67 19.46 30.09
C HIS B 163 12.39 18.08 29.52
N PRO B 164 11.83 18.03 28.31
CA PRO B 164 11.51 16.76 27.67
C PRO B 164 12.71 15.85 27.46
N ILE B 165 12.46 14.55 27.35
CA ILE B 165 13.53 13.60 27.08
C ILE B 165 13.03 12.76 25.91
N PHE B 166 13.71 12.87 24.76
CA PHE B 166 13.29 12.15 23.56
C PHE B 166 14.02 10.83 23.36
N ASP B 167 13.30 9.83 22.89
CA ASP B 167 13.85 8.51 22.63
C ASP B 167 14.71 8.57 21.38
N ASN B 168 16.01 8.37 21.55
CA ASN B 168 16.95 8.42 20.44
C ASN B 168 16.62 7.43 19.33
N ARG B 169 16.14 6.26 19.71
CA ARG B 169 15.80 5.21 18.75
C ARG B 169 14.51 5.52 17.99
N ALA B 170 13.71 6.44 18.53
CA ALA B 170 12.46 6.84 17.89
C ALA B 170 12.76 7.44 16.52
N PRO B 171 12.24 6.81 15.46
CA PRO B 171 12.46 7.29 14.10
C PRO B 171 12.20 8.77 13.91
N ASN B 172 10.99 9.21 14.26
CA ASN B 172 10.58 10.61 14.10
C ASN B 172 11.31 11.59 14.97
N THR B 173 12.12 11.10 15.89
CA THR B 173 12.85 11.99 16.77
C THR B 173 14.31 11.60 17.00
N ALA B 174 14.90 10.92 16.01
CA ALA B 174 16.30 10.47 16.07
C ALA B 174 17.19 11.64 15.71
N GLU B 175 18.51 11.47 15.80
CA GLU B 175 19.40 12.58 15.47
C GLU B 175 19.79 12.58 13.99
N LEU B 176 19.72 13.75 13.36
CA LEU B 176 20.06 13.90 11.96
C LEU B 176 21.59 14.02 11.73
N LYS B 177 22.10 13.29 10.75
CA LYS B 177 23.51 13.39 10.43
C LYS B 177 23.86 12.92 9.02
N ILE B 178 24.57 13.77 8.30
CA ILE B 178 24.99 13.42 6.95
C ILE B 178 26.30 12.62 7.06
N CYS B 179 26.33 11.46 6.44
CA CYS B 179 27.52 10.63 6.50
C CYS B 179 28.46 10.80 5.31
N ARG B 180 27.94 10.73 4.09
CA ARG B 180 28.77 10.86 2.91
C ARG B 180 28.06 11.56 1.76
N VAL B 181 28.83 12.17 0.84
CA VAL B 181 28.27 12.84 -0.31
C VAL B 181 29.13 12.65 -1.56
N ASN B 182 28.49 12.49 -2.71
CA ASN B 182 29.18 12.29 -3.98
C ASN B 182 29.96 13.53 -4.44
N ARG B 183 29.49 14.71 -4.06
CA ARG B 183 30.16 15.95 -4.43
C ARG B 183 29.73 17.08 -3.50
N ASN B 184 30.64 18.00 -3.24
CA ASN B 184 30.35 19.12 -2.36
C ASN B 184 30.47 20.47 -3.09
N SER B 185 30.19 20.48 -4.39
CA SER B 185 30.30 21.71 -5.16
C SER B 185 29.49 21.60 -6.44
N GLY B 186 28.87 22.71 -6.84
CA GLY B 186 28.07 22.71 -8.05
C GLY B 186 27.80 24.09 -8.63
N SER B 187 27.18 24.16 -9.80
CA SER B 187 26.88 25.44 -10.43
C SER B 187 26.02 26.34 -9.55
N CYS B 188 26.19 27.64 -9.66
CA CYS B 188 25.40 28.60 -8.88
C CYS B 188 23.93 28.55 -9.32
N LEU B 189 23.68 27.95 -10.47
CA LEU B 189 22.32 27.82 -11.00
C LEU B 189 21.62 26.61 -10.40
N GLY B 190 22.40 25.71 -9.83
CA GLY B 190 21.81 24.52 -9.23
C GLY B 190 21.43 23.49 -10.25
N GLY B 191 20.74 22.45 -9.80
CA GLY B 191 20.32 21.39 -10.68
C GLY B 191 21.27 20.21 -10.71
N ASP B 192 22.29 20.22 -9.85
CA ASP B 192 23.24 19.10 -9.85
C ASP B 192 22.76 18.00 -8.92
N GLU B 193 22.65 16.78 -9.45
CA GLU B 193 22.21 15.62 -8.66
C GLU B 193 23.19 15.34 -7.54
N ILE B 194 22.66 15.16 -6.33
CA ILE B 194 23.48 14.90 -5.17
C ILE B 194 23.08 13.60 -4.46
N PHE B 195 24.04 12.72 -4.29
CA PHE B 195 23.79 11.45 -3.62
C PHE B 195 24.39 11.53 -2.24
N LEU B 196 23.57 11.88 -1.25
CA LEU B 196 24.05 11.96 0.13
C LEU B 196 23.50 10.81 0.98
N LEU B 197 24.35 10.24 1.84
CA LEU B 197 23.93 9.14 2.69
C LEU B 197 23.85 9.64 4.11
N CYS B 198 22.82 9.23 4.85
CA CYS B 198 22.67 9.67 6.24
C CYS B 198 22.06 8.57 7.07
N ASP B 199 21.54 8.93 8.25
CA ASP B 199 20.91 7.98 9.15
C ASP B 199 19.41 7.89 8.89
N LYS B 200 18.74 6.98 9.61
CA LYS B 200 17.31 6.77 9.44
C LYS B 200 16.57 8.10 9.48
N VAL B 201 15.76 8.36 8.46
CA VAL B 201 14.99 9.61 8.40
C VAL B 201 13.60 9.34 7.84
N GLN B 202 12.67 10.26 8.07
CA GLN B 202 11.31 10.14 7.58
C GLN B 202 11.24 10.78 6.21
N LYS B 203 10.91 10.01 5.17
CA LYS B 203 10.83 10.54 3.83
C LYS B 203 9.69 11.56 3.69
N GLU B 204 8.75 11.52 4.62
CA GLU B 204 7.62 12.44 4.59
C GLU B 204 7.94 13.64 5.49
N ASP B 205 9.10 13.60 6.14
CA ASP B 205 9.51 14.66 7.03
C ASP B 205 11.02 14.84 7.11
N ILE B 206 11.59 15.41 6.06
CA ILE B 206 13.02 15.62 5.97
C ILE B 206 13.31 16.51 4.77
N GLU B 207 14.40 17.26 4.83
CA GLU B 207 14.75 18.13 3.70
C GLU B 207 16.21 18.57 3.76
N VAL B 208 16.80 18.82 2.58
CA VAL B 208 18.18 19.28 2.50
C VAL B 208 18.13 20.79 2.58
N TYR B 209 18.56 21.32 3.73
CA TYR B 209 18.54 22.75 4.02
C TYR B 209 19.86 23.46 3.74
N PHE B 210 19.83 24.42 2.82
CA PHE B 210 21.01 25.20 2.48
C PHE B 210 20.94 26.57 3.14
N THR B 211 22.06 27.02 3.71
CA THR B 211 22.12 28.33 4.37
C THR B 211 23.39 29.09 4.06
N GLY B 212 23.31 30.41 4.21
CA GLY B 212 24.46 31.26 3.95
C GLY B 212 24.25 32.65 4.50
N PRO B 213 24.86 33.67 3.89
CA PRO B 213 24.70 35.05 4.37
C PRO B 213 23.28 35.58 4.15
N GLY B 214 22.42 35.42 5.15
CA GLY B 214 21.05 35.90 5.03
C GLY B 214 20.36 35.27 3.83
N TRP B 215 20.62 33.98 3.64
CA TRP B 215 20.05 33.22 2.53
C TRP B 215 19.79 31.78 2.94
N GLU B 216 18.81 31.15 2.30
CA GLU B 216 18.48 29.76 2.59
C GLU B 216 17.61 29.13 1.51
N ALA B 217 18.11 28.05 0.91
CA ALA B 217 17.37 27.34 -0.13
C ALA B 217 17.06 25.93 0.34
N ARG B 218 16.56 25.11 -0.57
CA ARG B 218 16.24 23.73 -0.23
C ARG B 218 16.46 22.75 -1.38
N GLY B 219 16.89 21.53 -1.05
CA GLY B 219 17.10 20.50 -2.05
C GLY B 219 15.79 20.05 -2.70
N SER B 220 15.86 19.64 -3.97
CA SER B 220 14.66 19.22 -4.69
C SER B 220 14.65 17.71 -4.81
N PHE B 221 13.59 17.10 -4.31
CA PHE B 221 13.42 15.65 -4.37
C PHE B 221 12.08 15.19 -3.82
N SER B 222 11.49 14.20 -4.47
CA SER B 222 10.22 13.67 -4.05
C SER B 222 10.47 12.54 -3.05
N GLN B 223 9.42 12.06 -2.40
CA GLN B 223 9.56 11.00 -1.42
C GLN B 223 10.20 9.78 -2.04
N ALA B 224 9.97 9.60 -3.34
CA ALA B 224 10.52 8.47 -4.06
C ALA B 224 12.03 8.58 -4.23
N ASP B 225 12.61 9.70 -3.81
CA ASP B 225 14.04 9.88 -3.90
C ASP B 225 14.79 9.47 -2.64
N VAL B 226 14.04 9.09 -1.60
CA VAL B 226 14.63 8.66 -0.35
C VAL B 226 14.73 7.13 -0.35
N HIS B 227 15.95 6.62 -0.45
CA HIS B 227 16.21 5.18 -0.49
C HIS B 227 16.41 4.59 0.91
N ARG B 228 15.51 3.70 1.31
CA ARG B 228 15.56 3.04 2.61
C ARG B 228 15.87 3.94 3.81
N GLN B 229 15.38 5.17 3.75
CA GLN B 229 15.57 6.13 4.83
C GLN B 229 17.00 6.47 5.19
N VAL B 230 17.98 6.04 4.39
CA VAL B 230 19.36 6.33 4.70
C VAL B 230 20.12 6.97 3.54
N ALA B 231 19.42 7.16 2.44
CA ALA B 231 20.01 7.79 1.26
C ALA B 231 19.01 8.73 0.56
N ILE B 232 19.49 9.89 0.15
CA ILE B 232 18.62 10.85 -0.54
C ILE B 232 19.28 11.40 -1.79
N VAL B 233 18.61 11.23 -2.93
CA VAL B 233 19.12 11.74 -4.20
C VAL B 233 18.34 13.01 -4.54
N PHE B 234 18.96 14.16 -4.42
CA PHE B 234 18.27 15.42 -4.70
C PHE B 234 19.01 16.32 -5.66
N ARG B 235 18.39 17.43 -6.02
CA ARG B 235 18.98 18.40 -6.94
C ARG B 235 19.34 19.66 -6.17
N THR B 236 20.49 20.24 -6.48
CA THR B 236 20.94 21.45 -5.80
C THR B 236 20.12 22.66 -6.24
N PRO B 237 19.68 23.47 -5.27
CA PRO B 237 18.88 24.66 -5.56
C PRO B 237 19.76 25.80 -6.04
N PRO B 238 19.17 26.79 -6.72
CA PRO B 238 19.90 27.94 -7.23
C PRO B 238 20.30 28.87 -6.09
N TYR B 239 21.56 29.28 -6.09
CA TYR B 239 22.10 30.19 -5.08
C TYR B 239 21.46 31.59 -5.18
N ALA B 240 21.62 32.38 -4.13
CA ALA B 240 21.06 33.72 -4.10
C ALA B 240 21.38 34.48 -5.37
N ASP B 241 22.65 34.42 -5.79
CA ASP B 241 23.09 35.11 -7.01
C ASP B 241 23.39 34.09 -8.10
N PRO B 242 22.57 34.06 -9.16
CA PRO B 242 22.72 33.13 -10.28
C PRO B 242 23.90 33.43 -11.23
N SER B 243 24.75 34.38 -10.88
CA SER B 243 25.92 34.68 -11.71
C SER B 243 27.04 35.31 -10.89
N LEU B 244 27.57 34.56 -9.95
CA LEU B 244 28.66 35.06 -9.10
C LEU B 244 29.98 34.99 -9.82
N GLN B 245 30.92 35.83 -9.43
CA GLN B 245 32.24 35.88 -10.04
C GLN B 245 33.15 34.76 -9.51
N ALA B 246 33.27 34.68 -8.19
CA ALA B 246 34.12 33.66 -7.58
C ALA B 246 33.27 32.69 -6.77
N PRO B 247 33.83 31.52 -6.44
CA PRO B 247 33.10 30.50 -5.68
C PRO B 247 32.71 30.98 -4.29
N VAL B 248 31.54 30.53 -3.83
CA VAL B 248 31.03 30.90 -2.52
C VAL B 248 30.68 29.65 -1.74
N ARG B 249 31.20 29.55 -0.54
CA ARG B 249 30.94 28.39 0.29
C ARG B 249 29.80 28.60 1.28
N VAL B 250 28.77 27.76 1.18
CA VAL B 250 27.61 27.84 2.07
C VAL B 250 27.49 26.58 2.92
N SER B 251 26.55 26.59 3.85
CA SER B 251 26.37 25.43 4.72
C SER B 251 25.18 24.60 4.29
N MET B 252 25.40 23.29 4.21
CA MET B 252 24.36 22.34 3.86
C MET B 252 24.07 21.39 5.02
N GLN B 253 22.82 21.02 5.21
CA GLN B 253 22.48 20.12 6.33
C GLN B 253 21.06 19.63 6.21
N LEU B 254 20.77 18.51 6.89
CA LEU B 254 19.44 17.91 6.89
C LEU B 254 18.56 18.67 7.88
N ARG B 255 17.29 18.84 7.52
CA ARG B 255 16.33 19.53 8.36
C ARG B 255 15.04 18.72 8.48
N ARG B 256 14.43 18.75 9.65
CA ARG B 256 13.19 18.02 9.89
C ARG B 256 12.11 19.00 10.30
N PRO B 257 11.28 19.42 9.36
CA PRO B 257 10.17 20.36 9.55
C PRO B 257 9.31 20.15 10.80
N SER B 258 9.10 18.89 11.18
CA SER B 258 8.30 18.57 12.36
C SER B 258 8.76 19.39 13.57
N ASP B 259 9.99 19.14 14.01
CA ASP B 259 10.54 19.84 15.16
C ASP B 259 11.66 20.76 14.71
N ARG B 260 11.60 21.19 13.46
CA ARG B 260 12.61 22.06 12.88
C ARG B 260 14.02 21.79 13.39
N GLU B 261 14.35 20.52 13.50
CA GLU B 261 15.65 20.10 13.96
C GLU B 261 16.64 20.11 12.80
N LEU B 262 17.92 20.27 13.10
CA LEU B 262 18.95 20.30 12.07
C LEU B 262 20.06 19.30 12.33
N SER B 263 20.82 18.97 11.29
CA SER B 263 21.94 18.05 11.43
C SER B 263 23.21 18.88 11.49
N GLU B 264 24.36 18.23 11.55
CA GLU B 264 25.62 18.95 11.59
C GLU B 264 25.84 19.61 10.25
N PRO B 265 26.25 20.89 10.26
CA PRO B 265 26.49 21.64 9.01
C PRO B 265 27.60 21.04 8.16
N MET B 266 27.49 21.21 6.85
CA MET B 266 28.51 20.68 5.94
C MET B 266 28.87 21.74 4.92
N GLU B 267 30.16 21.93 4.72
CA GLU B 267 30.65 22.93 3.79
C GLU B 267 30.26 22.58 2.36
N PHE B 268 29.78 23.57 1.61
CA PHE B 268 29.41 23.38 0.21
C PHE B 268 29.66 24.67 -0.57
N GLN B 269 30.60 24.63 -1.50
CA GLN B 269 30.92 25.83 -2.28
C GLN B 269 30.21 25.86 -3.63
N TYR B 270 29.65 27.01 -3.96
CA TYR B 270 28.97 27.19 -5.24
C TYR B 270 29.96 27.70 -6.30
N LEU B 271 29.87 27.13 -7.50
CA LEU B 271 30.75 27.51 -8.60
C LEU B 271 29.98 28.17 -9.73
N PRO B 272 30.52 29.26 -10.30
CA PRO B 272 29.86 29.99 -11.40
C PRO B 272 29.84 29.14 -12.66
N ASP B 273 28.78 29.26 -13.46
CA ASP B 273 28.66 28.48 -14.70
C ASP B 273 29.83 28.73 -15.65
N PRO C 1 -10.28 40.83 19.44
CA PRO C 1 -9.34 39.96 18.69
C PRO C 1 -10.06 39.17 17.61
N TYR C 2 -9.31 38.76 16.59
CA TYR C 2 -9.89 37.97 15.50
C TYR C 2 -8.96 36.83 15.09
N VAL C 3 -9.54 35.78 14.48
CA VAL C 3 -8.75 34.64 14.03
C VAL C 3 -8.36 34.77 12.56
N GLU C 4 -7.15 34.30 12.23
CA GLU C 4 -6.65 34.38 10.87
C GLU C 4 -6.05 33.05 10.43
N ILE C 5 -6.52 32.54 9.30
CA ILE C 5 -6.02 31.29 8.76
C ILE C 5 -4.75 31.55 7.96
N ILE C 6 -3.59 31.47 8.62
CA ILE C 6 -2.32 31.68 7.96
C ILE C 6 -1.91 30.47 7.14
N GLU C 7 -2.49 29.32 7.45
CA GLU C 7 -2.20 28.08 6.72
C GLU C 7 -3.48 27.32 6.36
N GLN C 8 -4.02 27.63 5.17
CA GLN C 8 -5.24 27.00 4.67
C GLN C 8 -5.01 25.51 4.39
N PRO C 9 -6.08 24.71 4.43
CA PRO C 9 -5.95 23.27 4.16
C PRO C 9 -5.91 23.02 2.65
N LYS C 10 -5.25 21.93 2.24
CA LYS C 10 -5.17 21.60 0.82
C LYS C 10 -6.55 21.27 0.26
N GLN C 11 -7.02 22.10 -0.66
CA GLN C 11 -8.35 21.92 -1.24
C GLN C 11 -8.56 20.60 -1.95
N ARG C 12 -7.50 20.09 -2.58
CA ARG C 12 -7.60 18.85 -3.32
C ARG C 12 -6.48 17.89 -2.95
N GLY C 13 -6.65 16.61 -3.29
CA GLY C 13 -5.63 15.64 -3.00
C GLY C 13 -6.11 14.45 -2.19
N MET C 14 -6.38 14.67 -0.90
CA MET C 14 -6.83 13.61 -0.01
C MET C 14 -8.28 13.20 -0.29
N ARG C 15 -8.61 11.96 0.02
CA ARG C 15 -9.97 11.48 -0.21
C ARG C 15 -10.60 11.09 1.10
N PHE C 16 -11.81 11.58 1.32
CA PHE C 16 -12.56 11.29 2.55
C PHE C 16 -12.69 9.80 2.76
N ARG C 17 -12.06 9.28 3.81
CA ARG C 17 -12.16 7.84 4.10
C ARG C 17 -13.43 7.50 4.90
N TYR C 18 -13.97 6.31 4.68
CA TYR C 18 -15.18 5.88 5.38
C TYR C 18 -14.88 5.23 6.71
N LYS C 19 -15.89 5.21 7.58
CA LYS C 19 -15.74 4.65 8.91
C LYS C 19 -15.27 3.20 8.88
N CYS C 20 -15.72 2.46 7.88
CA CYS C 20 -15.36 1.05 7.77
C CYS C 20 -13.88 0.88 7.54
N GLU C 21 -13.34 1.72 6.67
CA GLU C 21 -11.92 1.66 6.36
C GLU C 21 -11.11 1.84 7.64
N GLY C 22 -10.12 0.96 7.84
CA GLY C 22 -9.28 1.04 9.02
C GLY C 22 -8.34 2.22 9.02
N ARG C 23 -8.90 3.43 8.90
CA ARG C 23 -8.11 4.66 8.88
C ARG C 23 -8.66 5.67 9.88
N SER C 24 -7.79 6.54 10.36
CA SER C 24 -8.15 7.59 11.32
C SER C 24 -7.01 8.58 11.47
N ALA C 25 -5.77 8.07 11.37
CA ALA C 25 -4.59 8.92 11.50
C ALA C 25 -4.55 9.94 10.37
N GLY C 26 -5.42 9.76 9.39
CA GLY C 26 -5.48 10.67 8.26
C GLY C 26 -5.45 12.12 8.75
N SER C 27 -4.63 12.94 8.09
CA SER C 27 -4.53 14.33 8.48
C SER C 27 -4.64 15.26 7.28
N ILE C 28 -5.42 16.32 7.42
CA ILE C 28 -5.59 17.31 6.37
C ILE C 28 -4.28 18.07 6.16
N PRO C 29 -3.67 17.93 4.98
CA PRO C 29 -2.42 18.62 4.70
C PRO C 29 -2.60 20.12 4.50
N GLY C 30 -1.57 20.87 4.85
CA GLY C 30 -1.59 22.32 4.67
C GLY C 30 -1.58 22.68 3.19
N GLU C 31 -2.08 23.87 2.88
CA GLU C 31 -2.13 24.36 1.50
C GLU C 31 -0.77 24.20 0.82
N ARG C 32 0.30 24.63 1.49
CA ARG C 32 1.63 24.51 0.92
C ARG C 32 2.06 23.04 0.82
N SER C 33 2.18 22.40 1.99
CA SER C 33 2.57 21.00 2.10
C SER C 33 2.94 20.33 0.78
N THR C 34 4.23 20.11 0.58
CA THR C 34 4.69 19.46 -0.64
C THR C 34 4.93 17.97 -0.40
N ASP C 35 5.43 17.28 -1.42
CA ASP C 35 5.71 15.85 -1.32
C ASP C 35 6.84 15.64 -0.32
N THR C 36 7.76 16.60 -0.28
CA THR C 36 8.91 16.54 0.62
C THR C 36 8.45 16.74 2.07
N THR C 37 7.90 17.90 2.36
CA THR C 37 7.40 18.24 3.69
C THR C 37 5.95 18.68 3.63
N LYS C 38 5.16 18.27 4.62
CA LYS C 38 3.77 18.63 4.65
C LYS C 38 3.46 19.66 5.74
N THR C 39 2.80 20.75 5.35
CA THR C 39 2.41 21.78 6.29
C THR C 39 1.05 21.38 6.82
N HIS C 40 0.53 22.13 7.81
CA HIS C 40 -0.77 21.80 8.36
C HIS C 40 -1.58 23.03 8.69
N PRO C 41 -2.90 22.94 8.54
CA PRO C 41 -3.80 24.06 8.82
C PRO C 41 -3.43 24.81 10.08
N THR C 42 -3.03 26.07 9.91
CA THR C 42 -2.65 26.92 11.02
C THR C 42 -3.45 28.24 11.08
N ILE C 43 -3.71 28.71 12.30
CA ILE C 43 -4.42 29.98 12.42
C ILE C 43 -3.68 30.85 13.42
N LYS C 44 -3.72 32.16 13.20
CA LYS C 44 -3.03 33.10 14.08
C LYS C 44 -4.08 33.89 14.83
N ILE C 45 -3.78 34.22 16.08
CA ILE C 45 -4.72 34.97 16.88
C ILE C 45 -4.18 36.39 17.09
N ASN C 46 -4.76 37.34 16.38
CA ASN C 46 -4.32 38.73 16.50
C ASN C 46 -5.07 39.42 17.63
N GLY C 47 -4.31 39.97 18.58
CA GLY C 47 -4.88 40.68 19.71
C GLY C 47 -4.98 39.86 20.98
N TYR C 48 -4.37 38.68 20.97
CA TYR C 48 -4.40 37.81 22.13
C TYR C 48 -3.29 36.77 22.04
N THR C 49 -2.81 36.32 23.18
CA THR C 49 -1.73 35.34 23.19
C THR C 49 -1.71 34.54 24.47
N GLY C 50 -2.81 34.57 25.22
CA GLY C 50 -2.86 33.80 26.46
C GLY C 50 -3.61 32.48 26.32
N PRO C 51 -4.20 31.96 27.42
CA PRO C 51 -4.96 30.70 27.44
C PRO C 51 -6.34 30.83 26.83
N GLY C 52 -6.82 29.75 26.23
CA GLY C 52 -8.13 29.77 25.60
C GLY C 52 -8.56 28.41 25.11
N THR C 53 -9.59 28.38 24.27
CA THR C 53 -10.11 27.13 23.73
C THR C 53 -10.40 27.29 22.25
N VAL C 54 -10.27 26.20 21.50
CA VAL C 54 -10.53 26.24 20.07
C VAL C 54 -11.34 25.03 19.60
N ARG C 55 -12.42 25.30 18.88
CA ARG C 55 -13.26 24.23 18.37
C ARG C 55 -13.28 24.28 16.84
N ILE C 56 -13.03 23.14 16.21
CA ILE C 56 -13.04 23.09 14.75
C ILE C 56 -14.15 22.16 14.28
N SER C 57 -15.02 22.65 13.41
CA SER C 57 -16.11 21.85 12.89
C SER C 57 -16.19 21.94 11.37
N LEU C 58 -17.03 21.09 10.78
CA LEU C 58 -17.22 21.07 9.34
C LEU C 58 -18.56 21.70 8.96
N VAL C 59 -18.56 22.49 7.89
CA VAL C 59 -19.78 23.13 7.42
C VAL C 59 -19.93 23.01 5.91
N THR C 60 -21.09 23.40 5.40
CA THR C 60 -21.37 23.34 3.96
C THR C 60 -20.45 24.27 3.20
N LYS C 61 -20.35 24.05 1.89
CA LYS C 61 -19.51 24.86 1.02
C LYS C 61 -20.23 26.13 0.58
N ASP C 62 -21.50 26.00 0.23
CA ASP C 62 -22.31 27.13 -0.24
C ASP C 62 -22.63 28.09 0.90
N PRO C 63 -23.01 29.35 0.58
CA PRO C 63 -23.34 30.38 1.56
C PRO C 63 -24.10 29.83 2.79
N PRO C 64 -25.16 29.05 2.57
CA PRO C 64 -25.89 28.50 3.72
C PRO C 64 -24.97 27.48 4.39
N HIS C 65 -24.14 27.95 5.31
CA HIS C 65 -23.20 27.07 6.00
C HIS C 65 -23.86 26.35 7.15
N ARG C 66 -24.27 25.10 6.93
CA ARG C 66 -24.92 24.32 7.97
C ARG C 66 -23.97 23.22 8.43
N PRO C 67 -24.16 22.70 9.64
CA PRO C 67 -23.30 21.63 10.16
C PRO C 67 -23.25 20.47 9.19
N HIS C 68 -22.10 20.27 8.54
CA HIS C 68 -21.94 19.19 7.58
C HIS C 68 -22.00 17.83 8.26
N PRO C 69 -22.61 16.83 7.59
CA PRO C 69 -22.73 15.47 8.12
C PRO C 69 -21.42 14.75 8.41
N HIS C 70 -20.41 14.92 7.56
CA HIS C 70 -19.13 14.26 7.80
C HIS C 70 -18.60 14.57 9.18
N GLU C 71 -17.88 13.62 9.75
CA GLU C 71 -17.29 13.80 11.08
C GLU C 71 -15.81 14.17 10.97
N LEU C 72 -15.25 14.61 12.08
CA LEU C 72 -13.87 15.02 12.10
C LEU C 72 -13.11 14.20 13.11
N VAL C 73 -12.59 13.05 12.67
CA VAL C 73 -11.83 12.12 13.51
C VAL C 73 -10.41 12.60 13.69
N GLY C 74 -9.84 12.26 14.84
CA GLY C 74 -8.47 12.64 15.15
C GLY C 74 -8.23 12.87 16.63
N LYS C 75 -7.18 13.60 16.96
CA LYS C 75 -6.86 13.87 18.35
C LYS C 75 -7.78 14.97 18.88
N ASP C 76 -8.19 14.84 20.14
CA ASP C 76 -9.08 15.80 20.79
C ASP C 76 -10.38 15.95 20.00
N CYS C 77 -10.74 14.90 19.29
CA CYS C 77 -11.96 14.92 18.48
C CYS C 77 -13.05 14.04 19.07
N ARG C 78 -14.27 14.56 19.08
CA ARG C 78 -15.42 13.81 19.58
C ARG C 78 -16.69 14.33 18.94
N ASP C 79 -17.65 13.44 18.70
CA ASP C 79 -18.91 13.82 18.09
C ASP C 79 -18.78 14.53 16.74
N GLY C 80 -17.64 14.36 16.10
CA GLY C 80 -17.42 14.96 14.79
C GLY C 80 -16.69 16.29 14.74
N TYR C 81 -16.33 16.84 15.89
CA TYR C 81 -15.61 18.10 15.90
C TYR C 81 -14.36 18.03 16.74
N TYR C 82 -13.48 19.00 16.55
CA TYR C 82 -12.22 19.10 17.28
C TYR C 82 -12.38 20.13 18.41
N GLU C 83 -11.74 19.88 19.54
CA GLU C 83 -11.81 20.79 20.66
C GLU C 83 -10.76 20.50 21.71
N ALA C 84 -9.70 21.31 21.69
CA ALA C 84 -8.60 21.18 22.64
C ALA C 84 -8.25 22.55 23.21
N ASP C 85 -7.56 22.57 24.34
CA ASP C 85 -7.18 23.84 24.95
C ASP C 85 -6.15 24.56 24.08
N LEU C 86 -6.28 25.88 24.02
CA LEU C 86 -5.36 26.69 23.23
C LEU C 86 -4.04 26.89 23.99
N CYS C 87 -2.93 26.70 23.30
CA CYS C 87 -1.60 26.86 23.91
C CYS C 87 -1.19 28.33 24.10
N PRO C 88 -1.11 28.79 25.37
CA PRO C 88 -0.74 30.16 25.77
C PRO C 88 0.59 30.65 25.24
N ASP C 89 1.46 29.72 24.85
CA ASP C 89 2.77 30.07 24.31
C ASP C 89 2.74 31.26 23.33
N ARG C 90 2.11 31.09 22.17
CA ARG C 90 2.04 32.17 21.19
C ARG C 90 0.66 32.24 20.55
N SER C 91 0.55 33.09 19.53
CA SER C 91 -0.70 33.27 18.82
C SER C 91 -0.80 32.37 17.59
N ILE C 92 0.23 31.55 17.38
CA ILE C 92 0.25 30.61 16.27
C ILE C 92 -0.25 29.25 16.72
N HIS C 93 -1.11 28.64 15.91
CA HIS C 93 -1.68 27.35 16.25
C HIS C 93 -1.90 26.52 15.00
N SER C 94 -1.21 25.40 14.90
CA SER C 94 -1.35 24.50 13.75
C SER C 94 -1.98 23.16 14.17
N PHE C 95 -2.69 22.52 13.24
CA PHE C 95 -3.31 21.22 13.51
C PHE C 95 -2.91 20.19 12.46
N GLN C 96 -2.27 19.11 12.90
CA GLN C 96 -1.84 18.07 11.97
C GLN C 96 -2.58 16.77 12.25
N ASN C 97 -3.52 16.81 13.19
CA ASN C 97 -4.28 15.62 13.56
C ASN C 97 -5.73 15.67 13.14
N LEU C 98 -6.04 16.42 12.09
CA LEU C 98 -7.41 16.52 11.63
C LEU C 98 -7.70 15.57 10.49
N GLY C 99 -8.58 14.62 10.77
CA GLY C 99 -8.96 13.64 9.76
C GLY C 99 -10.43 13.75 9.43
N ILE C 100 -10.75 13.70 8.14
CA ILE C 100 -12.14 13.77 7.69
C ILE C 100 -12.75 12.38 7.48
N GLN C 101 -13.88 12.12 8.13
CA GLN C 101 -14.58 10.84 7.99
C GLN C 101 -15.96 11.05 7.38
N CYS C 102 -16.08 10.73 6.09
CA CYS C 102 -17.34 10.90 5.39
C CYS C 102 -18.35 9.83 5.78
N VAL C 103 -19.60 10.22 5.91
CA VAL C 103 -20.64 9.28 6.30
C VAL C 103 -21.40 8.81 5.08
N LYS C 104 -22.13 7.71 5.25
CA LYS C 104 -22.91 7.14 4.16
C LYS C 104 -24.28 7.81 4.10
N LYS C 105 -24.94 7.68 2.94
CA LYS C 105 -26.27 8.25 2.74
C LYS C 105 -27.27 7.61 3.72
N ARG C 106 -27.08 6.33 4.02
CA ARG C 106 -27.98 5.63 4.94
C ARG C 106 -27.97 6.31 6.30
N ASP C 107 -26.77 6.65 6.77
CA ASP C 107 -26.59 7.30 8.06
C ASP C 107 -26.55 8.82 7.93
N LEU C 108 -27.06 9.33 6.82
CA LEU C 108 -27.07 10.77 6.55
C LEU C 108 -27.98 11.49 7.54
N GLU C 109 -29.21 11.00 7.66
CA GLU C 109 -30.18 11.59 8.59
C GLU C 109 -29.65 11.54 10.02
N GLN C 110 -29.12 10.39 10.41
CA GLN C 110 -28.58 10.22 11.77
C GLN C 110 -27.39 11.13 12.04
N ALA C 111 -26.57 11.35 11.01
CA ALA C 111 -25.40 12.22 11.15
C ALA C 111 -25.82 13.64 11.49
N ILE C 112 -26.73 14.20 10.68
CA ILE C 112 -27.21 15.56 10.91
C ILE C 112 -27.89 15.73 12.27
N SER C 113 -28.51 14.66 12.75
CA SER C 113 -29.17 14.69 14.05
C SER C 113 -28.18 14.98 15.16
N GLN C 114 -27.08 14.22 15.19
CA GLN C 114 -26.06 14.40 16.22
C GLN C 114 -25.47 15.80 16.19
N ARG C 115 -25.38 16.38 15.00
CA ARG C 115 -24.82 17.71 14.84
C ARG C 115 -25.50 18.70 15.76
N ILE C 116 -26.82 18.83 15.63
CA ILE C 116 -27.57 19.77 16.45
C ILE C 116 -27.91 19.19 17.81
N GLN C 117 -27.94 17.86 17.90
CA GLN C 117 -28.24 17.22 19.17
C GLN C 117 -27.03 17.36 20.08
N THR C 118 -25.90 17.75 19.48
CA THR C 118 -24.66 17.95 20.21
C THR C 118 -24.39 19.45 20.16
N ASN C 119 -25.33 20.18 19.56
CA ASN C 119 -25.25 21.62 19.43
C ASN C 119 -23.95 22.04 18.75
N ASN C 120 -23.72 21.50 17.56
CA ASN C 120 -22.53 21.79 16.79
C ASN C 120 -22.86 22.72 15.62
N ASN C 121 -23.68 23.73 15.90
CA ASN C 121 -24.07 24.68 14.87
C ASN C 121 -23.31 25.99 15.10
N PRO C 122 -22.18 26.17 14.39
CA PRO C 122 -21.35 27.37 14.51
C PRO C 122 -21.99 28.67 13.98
N PHE C 123 -22.84 28.56 12.96
CA PHE C 123 -23.47 29.75 12.39
C PHE C 123 -24.93 29.92 12.79
N HIS C 124 -25.39 29.11 13.73
CA HIS C 124 -26.77 29.16 14.19
C HIS C 124 -27.73 29.28 13.03
N VAL C 125 -27.90 28.20 12.28
CA VAL C 125 -28.80 28.20 11.13
C VAL C 125 -30.13 27.52 11.46
N PRO C 126 -31.25 28.15 11.07
CA PRO C 126 -32.59 27.59 11.33
C PRO C 126 -32.70 26.13 10.91
N ILE C 127 -33.11 25.28 11.84
CA ILE C 127 -33.27 23.86 11.56
C ILE C 127 -34.10 23.61 10.31
N GLU C 128 -34.98 24.56 10.00
CA GLU C 128 -35.85 24.45 8.83
C GLU C 128 -35.03 24.64 7.54
N GLU C 129 -34.18 25.65 7.52
CA GLU C 129 -33.35 25.95 6.35
C GLU C 129 -32.15 25.02 6.18
N GLN C 130 -31.64 24.47 7.28
CA GLN C 130 -30.49 23.57 7.21
C GLN C 130 -30.84 22.27 6.50
N ARG C 131 -32.10 21.86 6.61
CA ARG C 131 -32.57 20.64 5.98
C ARG C 131 -32.78 20.77 4.48
N GLY C 132 -32.32 19.76 3.74
CA GLY C 132 -32.46 19.75 2.29
C GLY C 132 -31.55 18.70 1.67
N ASP C 133 -30.76 19.12 0.70
CA ASP C 133 -29.83 18.21 0.02
C ASP C 133 -28.41 18.63 0.38
N TYR C 134 -27.61 17.66 0.83
CA TYR C 134 -26.23 17.94 1.21
C TYR C 134 -25.21 17.49 0.17
N ASP C 135 -24.06 18.16 0.17
CA ASP C 135 -22.99 17.84 -0.76
C ASP C 135 -21.89 17.11 0.01
N LEU C 136 -21.74 15.81 -0.25
CA LEU C 136 -20.73 15.01 0.42
C LEU C 136 -19.42 14.98 -0.37
N ASN C 137 -19.25 15.91 -1.29
CA ASN C 137 -18.04 15.95 -2.10
C ASN C 137 -17.19 17.16 -1.81
N ALA C 138 -17.55 17.90 -0.76
CA ALA C 138 -16.80 19.09 -0.38
C ALA C 138 -17.21 19.61 1.00
N VAL C 139 -16.23 20.11 1.76
CA VAL C 139 -16.51 20.65 3.09
C VAL C 139 -15.68 21.90 3.40
N ARG C 140 -15.97 22.52 4.53
CA ARG C 140 -15.24 23.70 4.96
C ARG C 140 -14.90 23.56 6.45
N LEU C 141 -13.77 24.13 6.86
CA LEU C 141 -13.35 24.09 8.26
C LEU C 141 -13.81 25.38 8.94
N CYS C 142 -14.47 25.23 10.08
CA CYS C 142 -14.98 26.36 10.86
C CYS C 142 -14.24 26.46 12.17
N PHE C 143 -13.39 27.47 12.27
CA PHE C 143 -12.59 27.71 13.47
C PHE C 143 -13.33 28.61 14.46
N GLN C 144 -13.76 28.01 15.56
CA GLN C 144 -14.48 28.71 16.62
C GLN C 144 -13.57 28.86 17.83
N VAL C 145 -12.95 30.01 17.95
CA VAL C 145 -12.03 30.28 19.05
C VAL C 145 -12.67 31.07 20.19
N THR C 146 -12.22 30.78 21.41
CA THR C 146 -12.73 31.46 22.59
C THR C 146 -11.56 31.85 23.48
N VAL C 147 -11.33 33.16 23.60
CA VAL C 147 -10.24 33.64 24.42
C VAL C 147 -10.73 34.25 25.72
N ARG C 148 -9.91 35.12 26.30
CA ARG C 148 -10.22 35.78 27.56
C ARG C 148 -10.01 37.29 27.40
N ASP C 149 -10.88 38.09 28.01
CA ASP C 149 -10.76 39.55 27.96
C ASP C 149 -9.68 39.96 28.96
N PRO C 150 -9.30 41.24 28.96
CA PRO C 150 -8.26 41.72 29.88
C PRO C 150 -8.53 41.35 31.34
N ALA C 151 -9.80 41.19 31.71
CA ALA C 151 -10.19 40.82 33.06
C ALA C 151 -10.04 39.32 33.28
N GLY C 152 -10.35 38.54 32.25
CA GLY C 152 -10.21 37.11 32.36
C GLY C 152 -11.50 36.39 32.08
N ARG C 153 -12.48 37.12 31.58
CA ARG C 153 -13.78 36.54 31.29
C ARG C 153 -13.81 35.97 29.87
N PRO C 154 -14.46 34.82 29.70
CA PRO C 154 -14.56 34.17 28.38
C PRO C 154 -14.93 35.14 27.26
N LEU C 155 -14.21 35.06 26.16
CA LEU C 155 -14.48 35.92 25.01
C LEU C 155 -14.54 35.09 23.72
N LEU C 156 -15.75 34.80 23.25
CA LEU C 156 -15.94 34.00 22.03
C LEU C 156 -15.73 34.84 20.80
N LEU C 157 -14.64 34.56 20.08
CA LEU C 157 -14.31 35.31 18.87
C LEU C 157 -15.28 34.97 17.74
N THR C 158 -15.21 35.75 16.68
CA THR C 158 -16.06 35.52 15.52
C THR C 158 -15.56 34.33 14.69
N PRO C 159 -16.42 33.33 14.47
CA PRO C 159 -16.04 32.14 13.69
C PRO C 159 -15.48 32.46 12.32
N VAL C 160 -14.45 31.74 11.90
CA VAL C 160 -13.85 31.96 10.60
C VAL C 160 -13.91 30.70 9.75
N LEU C 161 -14.07 30.88 8.45
CA LEU C 161 -14.15 29.74 7.54
C LEU C 161 -12.94 29.60 6.65
N SER C 162 -12.56 28.35 6.40
CA SER C 162 -11.41 28.05 5.55
C SER C 162 -11.87 27.68 4.15
N HIS C 163 -10.96 27.74 3.18
CA HIS C 163 -11.33 27.40 1.81
C HIS C 163 -11.93 25.99 1.76
N PRO C 164 -12.80 25.74 0.78
CA PRO C 164 -13.44 24.44 0.60
C PRO C 164 -12.44 23.30 0.47
N ILE C 165 -12.89 22.08 0.79
CA ILE C 165 -12.07 20.89 0.67
C ILE C 165 -12.91 19.84 0.00
N PHE C 166 -12.60 19.53 -1.25
CA PHE C 166 -13.35 18.54 -2.01
C PHE C 166 -12.67 17.19 -2.00
N ASP C 167 -13.47 16.14 -2.03
CA ASP C 167 -12.97 14.77 -2.07
C ASP C 167 -12.47 14.47 -3.50
N ASN C 168 -11.29 13.86 -3.59
CA ASN C 168 -10.70 13.53 -4.87
C ASN C 168 -11.44 12.35 -5.51
N ARG C 169 -12.75 12.40 -5.47
CA ARG C 169 -13.55 11.32 -6.05
C ARG C 169 -14.12 11.76 -7.39
N ALA C 170 -14.72 12.95 -7.41
CA ALA C 170 -15.32 13.52 -8.61
C ALA C 170 -14.28 14.29 -9.40
N PRO C 171 -14.09 13.96 -10.69
CA PRO C 171 -13.13 14.57 -11.62
C PRO C 171 -13.15 16.10 -11.71
N ASN C 172 -14.33 16.69 -11.90
CA ASN C 172 -14.47 18.14 -12.00
C ASN C 172 -13.76 18.87 -10.85
N THR C 173 -13.69 18.24 -9.68
CA THR C 173 -13.05 18.84 -8.52
C THR C 173 -11.81 18.06 -8.09
N ALA C 174 -11.61 16.89 -8.70
CA ALA C 174 -10.45 16.04 -8.40
C ALA C 174 -9.17 16.79 -8.71
N GLU C 175 -8.05 16.14 -8.47
CA GLU C 175 -6.76 16.76 -8.72
C GLU C 175 -6.19 16.29 -10.04
N LEU C 176 -5.68 17.21 -10.84
CA LEU C 176 -5.10 16.90 -12.14
C LEU C 176 -3.65 16.39 -12.01
N LYS C 177 -3.32 15.33 -12.74
CA LYS C 177 -1.96 14.81 -12.71
C LYS C 177 -1.63 13.92 -13.89
N ILE C 178 -0.53 14.26 -14.57
CA ILE C 178 -0.07 13.49 -15.71
C ILE C 178 0.76 12.31 -15.20
N CYS C 179 0.42 11.12 -15.63
CA CYS C 179 1.15 9.96 -15.18
C CYS C 179 2.28 9.50 -16.11
N ARG C 180 1.99 9.39 -17.40
CA ARG C 180 2.98 8.91 -18.32
C ARG C 180 2.77 9.54 -19.69
N VAL C 181 3.84 9.56 -20.48
CA VAL C 181 3.80 10.11 -21.83
C VAL C 181 4.70 9.30 -22.78
N ASN C 182 4.24 9.15 -24.02
CA ASN C 182 4.98 8.43 -25.06
C ASN C 182 6.26 9.15 -25.49
N ARG C 183 6.24 10.47 -25.43
CA ARG C 183 7.42 11.25 -25.80
C ARG C 183 7.36 12.64 -25.18
N ASN C 184 8.52 13.19 -24.85
CA ASN C 184 8.57 14.51 -24.24
C ASN C 184 9.35 15.53 -25.09
N SER C 185 9.33 15.34 -26.40
CA SER C 185 10.03 16.23 -27.30
C SER C 185 9.45 16.15 -28.69
N GLY C 186 9.42 17.28 -29.38
CA GLY C 186 8.89 17.30 -30.73
C GLY C 186 9.34 18.51 -31.53
N SER C 187 9.00 18.55 -32.81
CA SER C 187 9.35 19.66 -33.68
C SER C 187 8.78 20.99 -33.17
N CYS C 188 9.50 22.07 -33.44
CA CYS C 188 9.07 23.40 -33.03
C CYS C 188 7.80 23.80 -33.79
N LEU C 189 7.50 23.08 -34.87
CA LEU C 189 6.32 23.34 -35.68
C LEU C 189 5.11 22.65 -35.09
N GLY C 190 5.35 21.67 -34.23
CA GLY C 190 4.25 20.95 -33.60
C GLY C 190 3.62 19.93 -34.53
N GLY C 191 2.50 19.38 -34.10
CA GLY C 191 1.80 18.40 -34.90
C GLY C 191 2.17 16.97 -34.55
N ASP C 192 2.95 16.79 -33.49
CA ASP C 192 3.35 15.44 -33.09
C ASP C 192 2.33 14.83 -32.14
N GLU C 193 1.80 13.67 -32.51
CA GLU C 193 0.80 12.96 -31.69
C GLU C 193 1.39 12.60 -30.33
N ILE C 194 0.64 12.89 -29.28
CA ILE C 194 1.09 12.60 -27.93
C ILE C 194 0.07 11.77 -27.17
N PHE C 195 0.54 10.66 -26.63
CA PHE C 195 -0.30 9.76 -25.87
C PHE C 195 0.04 9.93 -24.40
N LEU C 196 -0.71 10.78 -23.70
CA LEU C 196 -0.44 10.97 -22.28
C LEU C 196 -1.54 10.32 -21.42
N LEU C 197 -1.14 9.73 -20.31
CA LEU C 197 -2.09 9.07 -19.42
C LEU C 197 -2.18 9.88 -18.15
N CYS C 198 -3.39 10.03 -17.62
CA CYS C 198 -3.58 10.81 -16.40
C CYS C 198 -4.73 10.25 -15.58
N ASP C 199 -5.21 11.04 -14.63
CA ASP C 199 -6.32 10.62 -13.78
C ASP C 199 -7.66 11.02 -14.37
N LYS C 200 -8.74 10.59 -13.71
CA LYS C 200 -10.09 10.91 -14.17
C LYS C 200 -10.23 12.41 -14.50
N VAL C 201 -10.68 12.71 -15.72
CA VAL C 201 -10.87 14.08 -16.14
C VAL C 201 -12.14 14.24 -16.96
N GLN C 202 -12.62 15.48 -17.08
CA GLN C 202 -13.82 15.79 -17.86
C GLN C 202 -13.38 16.06 -19.30
N LYS C 203 -13.85 15.26 -20.27
CA LYS C 203 -13.45 15.47 -21.65
C LYS C 203 -14.01 16.78 -22.21
N GLU C 204 -15.04 17.30 -21.53
CA GLU C 204 -15.66 18.54 -21.95
C GLU C 204 -15.04 19.70 -21.18
N ASP C 205 -14.11 19.40 -20.27
CA ASP C 205 -13.46 20.42 -19.46
C ASP C 205 -12.03 20.03 -19.06
N ILE C 206 -11.13 20.07 -20.03
CA ILE C 206 -9.74 19.72 -19.79
C ILE C 206 -8.93 20.14 -21.01
N GLU C 207 -7.64 20.40 -20.82
CA GLU C 207 -6.81 20.79 -21.95
C GLU C 207 -5.33 20.69 -21.62
N VAL C 208 -4.52 20.41 -22.64
CA VAL C 208 -3.07 20.31 -22.45
C VAL C 208 -2.50 21.69 -22.60
N TYR C 209 -2.09 22.26 -21.47
CA TYR C 209 -1.56 23.61 -21.40
C TYR C 209 -0.04 23.69 -21.44
N PHE C 210 0.48 24.38 -22.47
CA PHE C 210 1.92 24.57 -22.64
C PHE C 210 2.31 25.98 -22.22
N THR C 211 3.42 26.09 -21.49
CA THR C 211 3.90 27.38 -21.01
C THR C 211 5.42 27.53 -21.14
N GLY C 212 5.87 28.78 -21.17
CA GLY C 212 7.29 29.06 -21.29
C GLY C 212 7.59 30.51 -21.00
N PRO C 213 8.63 31.07 -21.61
CA PRO C 213 9.00 32.48 -21.39
C PRO C 213 7.98 33.43 -22.02
N GLY C 214 6.99 33.85 -21.24
CA GLY C 214 5.97 34.75 -21.75
C GLY C 214 5.28 34.16 -22.96
N TRP C 215 5.02 32.87 -22.89
CA TRP C 215 4.36 32.14 -23.97
C TRP C 215 3.45 31.04 -23.44
N GLU C 216 2.42 30.70 -24.21
CA GLU C 216 1.50 29.65 -23.82
C GLU C 216 0.61 29.14 -24.96
N ALA C 217 0.74 27.86 -25.27
CA ALA C 217 -0.04 27.24 -26.33
C ALA C 217 -0.99 26.20 -25.74
N ARG C 218 -1.61 25.40 -26.60
CA ARG C 218 -2.52 24.38 -26.15
C ARG C 218 -2.54 23.16 -27.07
N GLY C 219 -2.74 21.98 -26.49
CA GLY C 219 -2.80 20.76 -27.27
C GLY C 219 -4.06 20.70 -28.12
N SER C 220 -3.97 20.02 -29.27
CA SER C 220 -5.10 19.91 -30.17
C SER C 220 -5.72 18.54 -30.08
N PHE C 221 -7.01 18.50 -29.75
CA PHE C 221 -7.73 17.25 -29.64
C PHE C 221 -9.21 17.46 -29.36
N SER C 222 -10.05 16.65 -29.99
CA SER C 222 -11.49 16.72 -29.81
C SER C 222 -11.89 15.84 -28.64
N GLN C 223 -13.13 15.97 -28.19
CA GLN C 223 -13.57 15.17 -27.06
C GLN C 223 -13.41 13.70 -27.33
N ALA C 224 -13.48 13.31 -28.60
CA ALA C 224 -13.35 11.92 -28.98
C ALA C 224 -11.92 11.40 -28.79
N ASP C 225 -11.01 12.29 -28.42
CA ASP C 225 -9.63 11.92 -28.21
C ASP C 225 -9.32 11.56 -26.75
N VAL C 226 -10.33 11.73 -25.89
CA VAL C 226 -10.18 11.40 -24.48
C VAL C 226 -10.71 10.00 -24.26
N HIS C 227 -9.80 9.05 -23.98
CA HIS C 227 -10.15 7.66 -23.75
C HIS C 227 -10.44 7.38 -22.25
N ARG C 228 -11.68 6.99 -21.97
CA ARG C 228 -12.11 6.67 -20.60
C ARG C 228 -11.67 7.63 -19.51
N GLN C 229 -11.57 8.90 -19.87
CA GLN C 229 -11.18 9.96 -18.92
C GLN C 229 -9.80 9.83 -18.29
N VAL C 230 -8.98 8.90 -18.77
CA VAL C 230 -7.65 8.72 -18.17
C VAL C 230 -6.53 8.76 -19.20
N ALA C 231 -6.91 8.94 -20.46
CA ALA C 231 -5.92 9.01 -21.54
C ALA C 231 -6.33 10.06 -22.54
N ILE C 232 -5.36 10.81 -23.04
CA ILE C 232 -5.64 11.83 -24.02
C ILE C 232 -4.64 11.81 -25.17
N VAL C 233 -5.13 11.61 -26.38
CA VAL C 233 -4.26 11.63 -27.55
C VAL C 233 -4.40 12.98 -28.25
N PHE C 234 -3.39 13.83 -28.15
CA PHE C 234 -3.45 15.15 -28.76
C PHE C 234 -2.26 15.47 -29.66
N ARG C 235 -2.29 16.63 -30.32
CA ARG C 235 -1.19 17.05 -31.20
C ARG C 235 -0.48 18.21 -30.54
N THR C 236 0.84 18.24 -30.65
CA THR C 236 1.63 19.33 -30.06
C THR C 236 1.46 20.61 -30.85
N PRO C 237 1.25 21.74 -30.15
CA PRO C 237 1.07 23.05 -30.79
C PRO C 237 2.42 23.61 -31.23
N PRO C 238 2.42 24.48 -32.25
CA PRO C 238 3.65 25.10 -32.76
C PRO C 238 4.23 26.10 -31.77
N TYR C 239 5.45 25.83 -31.31
CA TYR C 239 6.11 26.70 -30.36
C TYR C 239 6.28 28.09 -30.95
N ALA C 240 6.25 29.11 -30.09
CA ALA C 240 6.38 30.50 -30.50
C ALA C 240 7.39 30.68 -31.63
N ASP C 241 8.58 30.14 -31.45
CA ASP C 241 9.63 30.23 -32.45
C ASP C 241 9.41 29.15 -33.53
N PRO C 242 9.02 29.57 -34.74
CA PRO C 242 8.77 28.65 -35.84
C PRO C 242 10.06 28.19 -36.54
N SER C 243 11.20 28.41 -35.91
CA SER C 243 12.48 28.02 -36.49
C SER C 243 13.63 28.35 -35.53
N LEU C 244 13.63 27.69 -34.37
CA LEU C 244 14.68 27.94 -33.40
C LEU C 244 15.96 27.20 -33.78
N GLN C 245 17.09 27.71 -33.29
CA GLN C 245 18.40 27.14 -33.57
C GLN C 245 18.68 25.92 -32.70
N ALA C 246 18.57 26.10 -31.38
CA ALA C 246 18.80 25.01 -30.42
C ALA C 246 17.50 24.63 -29.73
N PRO C 247 17.46 23.44 -29.10
CA PRO C 247 16.27 22.97 -28.40
C PRO C 247 15.87 23.85 -27.23
N VAL C 248 14.57 24.00 -27.02
CA VAL C 248 14.03 24.81 -25.93
C VAL C 248 13.07 24.00 -25.06
N ARG C 249 13.32 23.98 -23.77
CA ARG C 249 12.49 23.22 -22.87
C ARG C 249 11.41 24.06 -22.23
N VAL C 250 10.16 23.66 -22.42
CA VAL C 250 9.00 24.36 -21.86
C VAL C 250 8.25 23.48 -20.88
N SER C 251 7.24 24.05 -20.23
CA SER C 251 6.47 23.30 -19.25
C SER C 251 5.11 22.89 -19.81
N MET C 252 4.77 21.61 -19.64
CA MET C 252 3.51 21.07 -20.11
C MET C 252 2.69 20.57 -18.92
N GLN C 253 1.38 20.77 -18.97
CA GLN C 253 0.54 20.33 -17.87
C GLN C 253 -0.91 20.37 -18.24
N LEU C 254 -1.73 19.63 -17.50
CA LEU C 254 -3.17 19.59 -17.74
C LEU C 254 -3.83 20.83 -17.11
N ARG C 255 -4.84 21.35 -17.78
CA ARG C 255 -5.56 22.52 -17.28
C ARG C 255 -7.07 22.31 -17.37
N ARG C 256 -7.77 22.81 -16.37
CA ARG C 256 -9.22 22.68 -16.32
C ARG C 256 -9.86 24.07 -16.33
N PRO C 257 -10.29 24.54 -17.52
CA PRO C 257 -10.92 25.86 -17.72
C PRO C 257 -11.96 26.26 -16.68
N SER C 258 -12.74 25.29 -16.21
CA SER C 258 -13.78 25.57 -15.21
C SER C 258 -13.24 26.40 -14.06
N ASP C 259 -12.29 25.84 -13.32
CA ASP C 259 -11.69 26.52 -12.17
C ASP C 259 -10.23 26.85 -12.46
N ARG C 260 -9.92 26.97 -13.75
CA ARG C 260 -8.56 27.27 -14.21
C ARG C 260 -7.50 26.59 -13.35
N GLU C 261 -7.75 25.34 -12.97
CA GLU C 261 -6.81 24.59 -12.16
C GLU C 261 -5.73 23.96 -13.04
N LEU C 262 -4.55 23.72 -12.47
CA LEU C 262 -3.44 23.10 -13.21
C LEU C 262 -2.89 21.85 -12.54
N SER C 263 -2.20 21.02 -13.31
CA SER C 263 -1.60 19.81 -12.78
C SER C 263 -0.13 20.09 -12.55
N GLU C 264 0.62 19.08 -12.14
CA GLU C 264 2.04 19.28 -11.90
C GLU C 264 2.73 19.49 -13.24
N PRO C 265 3.62 20.50 -13.32
CA PRO C 265 4.34 20.81 -14.57
C PRO C 265 5.21 19.65 -15.03
N MET C 266 5.39 19.54 -16.34
CA MET C 266 6.22 18.49 -16.91
C MET C 266 7.16 19.06 -17.97
N GLU C 267 8.43 18.69 -17.88
CA GLU C 267 9.44 19.20 -18.81
C GLU C 267 9.18 18.71 -20.23
N PHE C 268 9.29 19.61 -21.19
CA PHE C 268 9.08 19.26 -22.60
C PHE C 268 9.94 20.15 -23.48
N GLN C 269 10.93 19.56 -24.14
CA GLN C 269 11.82 20.34 -24.99
C GLN C 269 11.42 20.34 -26.46
N TYR C 270 11.46 21.51 -27.08
CA TYR C 270 11.12 21.63 -28.49
C TYR C 270 12.37 21.46 -29.34
N LEU C 271 12.23 20.72 -30.43
CA LEU C 271 13.35 20.48 -31.32
C LEU C 271 13.12 21.11 -32.69
N PRO C 272 14.15 21.75 -33.26
CA PRO C 272 14.03 22.38 -34.57
C PRO C 272 13.87 21.35 -35.67
N ASP C 273 13.08 21.67 -36.70
CA ASP C 273 12.86 20.74 -37.81
C ASP C 273 14.17 20.33 -38.49
N PRO D 1 -41.07 -42.02 -16.98
CA PRO D 1 -41.21 -40.57 -17.19
C PRO D 1 -39.88 -39.84 -17.01
N TYR D 2 -39.60 -38.91 -17.92
CA TYR D 2 -38.36 -38.14 -17.85
C TYR D 2 -38.57 -36.69 -18.26
N VAL D 3 -37.66 -35.82 -17.82
CA VAL D 3 -37.77 -34.42 -18.14
C VAL D 3 -36.79 -34.05 -19.24
N GLU D 4 -37.24 -33.29 -20.22
CA GLU D 4 -36.39 -32.88 -21.33
C GLU D 4 -36.44 -31.38 -21.53
N ILE D 5 -35.28 -30.75 -21.63
CA ILE D 5 -35.23 -29.31 -21.86
C ILE D 5 -35.48 -29.00 -23.33
N ILE D 6 -36.59 -28.33 -23.60
CA ILE D 6 -36.95 -27.95 -24.95
C ILE D 6 -36.28 -26.63 -25.33
N GLU D 7 -36.36 -25.67 -24.42
CA GLU D 7 -35.77 -24.36 -24.65
C GLU D 7 -34.78 -23.97 -23.55
N GLN D 8 -33.49 -24.10 -23.86
CA GLN D 8 -32.42 -23.73 -22.92
C GLN D 8 -32.44 -22.23 -22.64
N PRO D 9 -31.92 -21.81 -21.48
CA PRO D 9 -31.90 -20.39 -21.15
C PRO D 9 -30.72 -19.69 -21.85
N LYS D 10 -30.89 -18.42 -22.18
CA LYS D 10 -29.81 -17.70 -22.83
C LYS D 10 -28.58 -17.67 -21.94
N GLN D 11 -27.50 -18.24 -22.47
CA GLN D 11 -26.19 -18.37 -21.85
C GLN D 11 -25.75 -17.10 -21.12
N ARG D 12 -25.31 -16.10 -21.88
CA ARG D 12 -24.88 -14.83 -21.29
C ARG D 12 -25.68 -13.67 -21.86
N GLY D 13 -25.31 -12.45 -21.47
CA GLY D 13 -26.02 -11.28 -21.95
C GLY D 13 -26.80 -10.56 -20.86
N MET D 14 -27.09 -11.29 -19.79
CA MET D 14 -27.84 -10.74 -18.67
C MET D 14 -27.07 -10.92 -17.37
N ARG D 15 -26.81 -9.81 -16.68
CA ARG D 15 -26.10 -9.85 -15.41
C ARG D 15 -27.05 -10.22 -14.25
N PHE D 16 -26.45 -10.62 -13.13
CA PHE D 16 -27.23 -11.04 -11.97
C PHE D 16 -27.43 -9.82 -11.10
N ARG D 17 -28.66 -9.32 -11.09
CA ARG D 17 -29.01 -8.15 -10.31
C ARG D 17 -29.07 -8.46 -8.81
N TYR D 18 -28.92 -7.43 -7.98
CA TYR D 18 -29.02 -7.59 -6.52
C TYR D 18 -30.45 -7.34 -6.08
N LYS D 19 -30.72 -7.63 -4.82
CA LYS D 19 -32.08 -7.45 -4.28
C LYS D 19 -32.49 -5.99 -4.47
N CYS D 20 -31.52 -5.09 -4.32
CA CYS D 20 -31.75 -3.66 -4.46
C CYS D 20 -32.08 -3.22 -5.87
N GLU D 21 -31.70 -4.04 -6.85
CA GLU D 21 -31.96 -3.72 -8.24
C GLU D 21 -33.26 -4.35 -8.74
N GLY D 22 -34.10 -4.80 -7.82
CA GLY D 22 -35.35 -5.42 -8.21
C GLY D 22 -36.19 -4.45 -9.02
N ARG D 23 -36.13 -3.19 -8.65
CA ARG D 23 -36.86 -2.13 -9.35
C ARG D 23 -36.60 -2.20 -10.85
N SER D 24 -35.38 -2.56 -11.23
CA SER D 24 -35.02 -2.67 -12.65
C SER D 24 -34.31 -3.99 -12.94
N ALA D 25 -34.92 -5.08 -12.48
CA ALA D 25 -34.38 -6.43 -12.69
C ALA D 25 -35.09 -7.10 -13.87
N GLY D 26 -34.60 -8.27 -14.29
CA GLY D 26 -35.21 -8.95 -15.42
C GLY D 26 -35.42 -10.45 -15.27
N SER D 27 -35.99 -11.07 -16.30
CA SER D 27 -36.25 -12.50 -16.30
C SER D 27 -35.31 -13.21 -17.26
N ILE D 28 -35.06 -14.49 -17.01
CA ILE D 28 -34.17 -15.28 -17.84
C ILE D 28 -34.77 -15.51 -19.22
N PRO D 29 -34.11 -15.01 -20.28
CA PRO D 29 -34.60 -15.17 -21.66
C PRO D 29 -34.38 -16.58 -22.20
N GLY D 30 -34.95 -16.86 -23.36
CA GLY D 30 -34.77 -18.17 -23.97
C GLY D 30 -33.50 -18.22 -24.80
N GLU D 31 -33.05 -19.44 -25.09
CA GLU D 31 -31.84 -19.62 -25.86
C GLU D 31 -31.97 -18.97 -27.22
N ARG D 32 -32.93 -19.47 -28.00
CA ARG D 32 -33.20 -18.96 -29.34
C ARG D 32 -34.18 -17.80 -29.24
N SER D 33 -34.09 -17.06 -28.14
CA SER D 33 -34.99 -15.94 -27.91
C SER D 33 -34.55 -14.70 -28.66
N THR D 34 -35.26 -14.40 -29.75
CA THR D 34 -34.96 -13.22 -30.54
C THR D 34 -35.43 -11.99 -29.80
N ASP D 35 -35.24 -10.82 -30.41
CA ASP D 35 -35.64 -9.57 -29.79
C ASP D 35 -37.05 -9.18 -30.23
N THR D 36 -37.43 -9.60 -31.44
CA THR D 36 -38.74 -9.29 -31.97
C THR D 36 -39.76 -10.18 -31.30
N THR D 37 -39.35 -11.42 -31.04
CA THR D 37 -40.18 -12.42 -30.37
C THR D 37 -39.46 -12.86 -29.10
N LYS D 38 -40.22 -13.19 -28.06
CA LYS D 38 -39.60 -13.60 -26.80
C LYS D 38 -39.96 -15.00 -26.35
N THR D 39 -38.96 -15.85 -26.21
CA THR D 39 -39.15 -17.22 -25.76
C THR D 39 -38.52 -17.37 -24.39
N HIS D 40 -38.98 -18.35 -23.62
CA HIS D 40 -38.42 -18.54 -22.29
C HIS D 40 -38.09 -20.00 -22.00
N PRO D 41 -37.24 -20.24 -20.99
CA PRO D 41 -36.85 -21.60 -20.61
C PRO D 41 -38.05 -22.55 -20.56
N THR D 42 -38.07 -23.52 -21.47
CA THR D 42 -39.16 -24.49 -21.51
C THR D 42 -38.67 -25.94 -21.36
N ILE D 43 -39.46 -26.75 -20.67
CA ILE D 43 -39.09 -28.15 -20.47
C ILE D 43 -40.22 -29.02 -20.99
N LYS D 44 -39.99 -30.31 -21.11
CA LYS D 44 -41.02 -31.22 -21.57
C LYS D 44 -40.99 -32.52 -20.77
N ILE D 45 -42.17 -32.98 -20.37
CA ILE D 45 -42.29 -34.21 -19.61
C ILE D 45 -42.86 -35.27 -20.53
N ASN D 46 -42.09 -36.33 -20.77
CA ASN D 46 -42.56 -37.39 -21.65
C ASN D 46 -42.80 -38.65 -20.82
N GLY D 47 -44.01 -39.19 -20.91
CA GLY D 47 -44.37 -40.39 -20.17
C GLY D 47 -45.35 -40.06 -19.06
N TYR D 48 -45.92 -38.86 -19.13
CA TYR D 48 -46.88 -38.38 -18.15
C TYR D 48 -47.41 -37.03 -18.59
N THR D 49 -48.69 -36.78 -18.34
CA THR D 49 -49.29 -35.52 -18.74
C THR D 49 -50.40 -35.11 -17.80
N GLY D 50 -50.35 -35.63 -16.57
CA GLY D 50 -51.37 -35.29 -15.57
C GLY D 50 -50.85 -34.35 -14.48
N PRO D 51 -51.49 -34.35 -13.32
CA PRO D 51 -51.11 -33.49 -12.18
C PRO D 51 -49.66 -33.68 -11.74
N GLY D 52 -49.05 -32.62 -11.23
CA GLY D 52 -47.67 -32.69 -10.78
C GLY D 52 -47.14 -31.34 -10.35
N THR D 53 -45.90 -31.34 -9.88
CA THR D 53 -45.27 -30.09 -9.44
C THR D 53 -43.84 -29.99 -9.90
N VAL D 54 -43.37 -28.77 -10.14
CA VAL D 54 -42.01 -28.57 -10.61
C VAL D 54 -41.23 -27.67 -9.67
N ARG D 55 -39.99 -28.06 -9.37
CA ARG D 55 -39.12 -27.26 -8.51
C ARG D 55 -37.86 -26.86 -9.29
N ILE D 56 -37.55 -25.57 -9.34
CA ILE D 56 -36.36 -25.11 -10.04
C ILE D 56 -35.41 -24.42 -9.09
N SER D 57 -34.17 -24.91 -9.02
CA SER D 57 -33.17 -24.31 -8.14
C SER D 57 -31.89 -23.95 -8.89
N LEU D 58 -30.95 -23.34 -8.18
CA LEU D 58 -29.68 -22.95 -8.80
C LEU D 58 -28.48 -23.75 -8.25
N VAL D 59 -27.68 -24.28 -9.15
CA VAL D 59 -26.51 -25.05 -8.74
C VAL D 59 -25.25 -24.53 -9.45
N THR D 60 -24.10 -24.96 -8.96
CA THR D 60 -22.83 -24.57 -9.56
C THR D 60 -22.68 -25.14 -10.97
N LYS D 61 -21.81 -24.53 -11.77
CA LYS D 61 -21.62 -25.01 -13.14
C LYS D 61 -20.51 -26.03 -13.24
N ASP D 62 -19.94 -26.41 -12.09
CA ASP D 62 -18.87 -27.39 -12.08
C ASP D 62 -19.42 -28.77 -11.75
N PRO D 63 -18.63 -29.83 -11.98
CA PRO D 63 -19.05 -31.21 -11.71
C PRO D 63 -19.87 -31.37 -10.42
N PRO D 64 -19.32 -30.96 -9.27
CA PRO D 64 -20.10 -31.11 -8.04
C PRO D 64 -21.20 -30.03 -8.01
N HIS D 65 -22.36 -30.36 -8.58
CA HIS D 65 -23.46 -29.41 -8.68
C HIS D 65 -24.07 -29.14 -7.31
N ARG D 66 -23.41 -28.29 -6.53
CA ARG D 66 -23.88 -27.96 -5.19
C ARG D 66 -24.90 -26.83 -5.24
N PRO D 67 -25.70 -26.67 -4.17
CA PRO D 67 -26.70 -25.61 -4.12
C PRO D 67 -26.00 -24.25 -4.23
N HIS D 68 -26.36 -23.48 -5.25
CA HIS D 68 -25.72 -22.18 -5.43
C HIS D 68 -26.31 -21.17 -4.48
N PRO D 69 -25.46 -20.31 -3.92
CA PRO D 69 -25.89 -19.27 -2.98
C PRO D 69 -26.90 -18.26 -3.50
N HIS D 70 -26.83 -17.94 -4.79
CA HIS D 70 -27.78 -16.98 -5.35
C HIS D 70 -29.22 -17.47 -5.20
N GLU D 71 -30.14 -16.52 -5.23
CA GLU D 71 -31.55 -16.86 -5.10
C GLU D 71 -32.27 -16.79 -6.44
N LEU D 72 -33.43 -17.40 -6.50
CA LEU D 72 -34.21 -17.40 -7.72
C LEU D 72 -35.52 -16.64 -7.47
N VAL D 73 -35.47 -15.33 -7.67
CA VAL D 73 -36.63 -14.47 -7.45
C VAL D 73 -37.61 -14.49 -8.63
N GLY D 74 -38.87 -14.17 -8.34
CA GLY D 74 -39.90 -14.16 -9.36
C GLY D 74 -41.20 -14.77 -8.84
N LYS D 75 -42.18 -14.88 -9.73
CA LYS D 75 -43.46 -15.44 -9.36
C LYS D 75 -43.30 -16.90 -8.95
N ASP D 76 -43.98 -17.30 -7.87
CA ASP D 76 -43.91 -18.67 -7.39
C ASP D 76 -42.53 -19.09 -6.92
N CYS D 77 -41.76 -18.11 -6.44
CA CYS D 77 -40.42 -18.38 -5.93
C CYS D 77 -40.35 -18.14 -4.43
N ARG D 78 -39.45 -18.86 -3.76
CA ARG D 78 -39.29 -18.72 -2.33
C ARG D 78 -38.04 -19.43 -1.84
N ASP D 79 -37.28 -18.75 -1.00
CA ASP D 79 -36.06 -19.33 -0.44
C ASP D 79 -35.03 -19.70 -1.50
N GLY D 80 -34.88 -18.82 -2.48
CA GLY D 80 -33.91 -19.02 -3.52
C GLY D 80 -34.28 -19.98 -4.62
N TYR D 81 -35.43 -20.63 -4.50
CA TYR D 81 -35.86 -21.57 -5.52
C TYR D 81 -37.28 -21.31 -6.00
N TYR D 82 -37.59 -21.88 -7.16
CA TYR D 82 -38.90 -21.75 -7.74
C TYR D 82 -39.65 -23.06 -7.56
N GLU D 83 -40.97 -22.97 -7.48
CA GLU D 83 -41.76 -24.18 -7.32
C GLU D 83 -43.23 -23.88 -7.52
N ALA D 84 -43.89 -24.73 -8.28
CA ALA D 84 -45.31 -24.56 -8.55
C ALA D 84 -45.87 -25.80 -9.20
N ASP D 85 -47.19 -25.81 -9.42
CA ASP D 85 -47.88 -26.94 -10.05
C ASP D 85 -48.03 -26.64 -11.53
N LEU D 86 -47.60 -27.58 -12.37
CA LEU D 86 -47.68 -27.39 -13.82
C LEU D 86 -49.02 -27.89 -14.36
N CYS D 87 -49.45 -27.36 -15.51
CA CYS D 87 -50.73 -27.77 -16.13
C CYS D 87 -50.86 -29.28 -16.28
N PRO D 88 -51.92 -29.86 -15.67
CA PRO D 88 -52.18 -31.30 -15.73
C PRO D 88 -52.77 -31.73 -17.07
N ASP D 89 -52.61 -30.89 -18.07
CA ASP D 89 -53.12 -31.18 -19.41
C ASP D 89 -52.17 -30.69 -20.50
N ARG D 90 -50.88 -30.61 -20.15
CA ARG D 90 -49.84 -30.18 -21.09
C ARG D 90 -48.53 -30.86 -20.75
N SER D 91 -47.81 -31.31 -21.78
CA SER D 91 -46.54 -31.99 -21.55
C SER D 91 -45.37 -31.00 -21.63
N ILE D 92 -45.64 -29.84 -22.21
CA ILE D 92 -44.62 -28.82 -22.35
C ILE D 92 -44.93 -27.65 -21.41
N HIS D 93 -43.93 -27.24 -20.63
CA HIS D 93 -44.10 -26.14 -19.69
C HIS D 93 -42.96 -25.13 -19.81
N SER D 94 -43.32 -23.85 -19.96
CA SER D 94 -42.34 -22.79 -20.08
C SER D 94 -42.37 -21.91 -18.84
N PHE D 95 -41.24 -21.27 -18.55
CA PHE D 95 -41.13 -20.39 -17.40
C PHE D 95 -40.61 -19.03 -17.80
N GLN D 96 -41.46 -18.01 -17.65
CA GLN D 96 -41.11 -16.65 -18.04
C GLN D 96 -41.16 -15.66 -16.88
N ASN D 97 -40.73 -16.10 -15.70
CA ASN D 97 -40.75 -15.23 -14.53
C ASN D 97 -39.52 -15.45 -13.66
N LEU D 98 -38.67 -16.38 -14.07
CA LEU D 98 -37.46 -16.72 -13.35
C LEU D 98 -36.44 -15.57 -13.37
N GLY D 99 -35.95 -15.20 -12.19
CA GLY D 99 -34.95 -14.13 -12.05
C GLY D 99 -33.83 -14.52 -11.11
N ILE D 100 -32.60 -14.17 -11.49
CA ILE D 100 -31.43 -14.46 -10.69
C ILE D 100 -31.04 -13.29 -9.82
N GLN D 101 -31.16 -13.45 -8.51
CA GLN D 101 -30.81 -12.40 -7.56
C GLN D 101 -29.55 -12.80 -6.81
N CYS D 102 -28.42 -12.23 -7.24
CA CYS D 102 -27.13 -12.55 -6.64
C CYS D 102 -27.05 -12.02 -5.23
N VAL D 103 -26.45 -12.79 -4.34
CA VAL D 103 -26.35 -12.40 -2.95
C VAL D 103 -25.00 -11.76 -2.69
N LYS D 104 -24.91 -10.98 -1.62
CA LYS D 104 -23.65 -10.32 -1.27
C LYS D 104 -22.69 -11.26 -0.52
N LYS D 105 -21.38 -11.07 -0.72
CA LYS D 105 -20.39 -11.90 -0.07
C LYS D 105 -20.61 -11.96 1.46
N ARG D 106 -21.10 -10.87 2.03
CA ARG D 106 -21.34 -10.82 3.47
C ARG D 106 -22.41 -11.81 3.91
N ASP D 107 -23.44 -11.94 3.11
CA ASP D 107 -24.55 -12.83 3.42
C ASP D 107 -24.40 -14.15 2.67
N LEU D 108 -23.20 -14.41 2.18
CA LEU D 108 -22.96 -15.63 1.41
C LEU D 108 -22.94 -16.87 2.28
N GLU D 109 -22.33 -16.77 3.46
CA GLU D 109 -22.26 -17.89 4.38
C GLU D 109 -23.66 -18.37 4.78
N GLN D 110 -24.50 -17.44 5.23
CA GLN D 110 -25.85 -17.81 5.65
C GLN D 110 -26.66 -18.36 4.50
N ALA D 111 -26.42 -17.81 3.31
CA ALA D 111 -27.16 -18.24 2.14
C ALA D 111 -27.02 -19.74 1.94
N ILE D 112 -25.81 -20.26 2.11
CA ILE D 112 -25.57 -21.69 1.94
C ILE D 112 -26.34 -22.47 2.99
N SER D 113 -26.37 -21.93 4.19
CA SER D 113 -27.11 -22.55 5.29
C SER D 113 -28.59 -22.67 4.94
N GLN D 114 -29.18 -21.60 4.41
CA GLN D 114 -30.58 -21.62 4.03
C GLN D 114 -30.83 -22.69 2.96
N ARG D 115 -29.88 -22.84 2.04
CA ARG D 115 -30.00 -23.84 0.98
C ARG D 115 -30.12 -25.23 1.61
N ILE D 116 -29.32 -25.47 2.65
CA ILE D 116 -29.35 -26.76 3.31
C ILE D 116 -30.53 -26.89 4.26
N GLN D 117 -30.78 -25.84 5.04
CA GLN D 117 -31.87 -25.82 6.00
C GLN D 117 -33.23 -26.11 5.35
N THR D 118 -33.35 -25.79 4.07
CA THR D 118 -34.60 -26.02 3.35
C THR D 118 -34.45 -27.21 2.39
N ASN D 119 -33.36 -27.94 2.55
CA ASN D 119 -33.10 -29.08 1.68
C ASN D 119 -33.18 -28.69 0.19
N ASN D 120 -32.38 -27.70 -0.20
CA ASN D 120 -32.34 -27.25 -1.58
C ASN D 120 -31.17 -27.94 -2.32
N ASN D 121 -30.88 -29.17 -1.92
CA ASN D 121 -29.79 -29.92 -2.52
C ASN D 121 -30.33 -31.04 -3.40
N PRO D 122 -30.41 -30.80 -4.70
CA PRO D 122 -30.92 -31.79 -5.65
C PRO D 122 -29.92 -32.90 -6.01
N PHE D 123 -28.68 -32.73 -5.65
CA PHE D 123 -27.71 -33.75 -5.99
C PHE D 123 -27.15 -34.44 -4.77
N HIS D 124 -27.81 -34.24 -3.63
CA HIS D 124 -27.38 -34.84 -2.38
C HIS D 124 -25.88 -34.81 -2.14
N VAL D 125 -25.27 -33.64 -2.35
CA VAL D 125 -23.84 -33.47 -2.14
C VAL D 125 -23.53 -33.20 -0.68
N PRO D 126 -22.61 -33.98 -0.10
CA PRO D 126 -22.25 -33.81 1.31
C PRO D 126 -21.93 -32.37 1.70
N ILE D 127 -22.53 -31.91 2.80
CA ILE D 127 -22.30 -30.55 3.28
C ILE D 127 -20.81 -30.28 3.54
N GLU D 128 -20.01 -31.34 3.52
CA GLU D 128 -18.58 -31.20 3.73
C GLU D 128 -17.98 -30.44 2.54
N GLU D 129 -18.58 -30.62 1.38
CA GLU D 129 -18.11 -29.96 0.16
C GLU D 129 -18.84 -28.66 -0.14
N GLN D 130 -19.73 -28.25 0.76
CA GLN D 130 -20.48 -27.03 0.58
C GLN D 130 -19.98 -25.91 1.48
N ARG D 131 -18.67 -25.68 1.49
CA ARG D 131 -18.09 -24.63 2.31
C ARG D 131 -16.87 -24.04 1.63
N GLY D 132 -16.49 -24.61 0.50
CA GLY D 132 -15.35 -24.10 -0.23
C GLY D 132 -15.69 -22.80 -0.94
N ASP D 133 -14.90 -22.46 -1.95
CA ASP D 133 -15.12 -21.23 -2.73
C ASP D 133 -16.15 -21.46 -3.84
N TYR D 134 -17.11 -20.55 -3.94
CA TYR D 134 -18.13 -20.66 -4.97
C TYR D 134 -17.92 -19.61 -6.05
N ASP D 135 -18.25 -19.98 -7.29
CA ASP D 135 -18.16 -19.06 -8.42
C ASP D 135 -19.47 -18.26 -8.55
N LEU D 136 -19.49 -17.08 -7.94
CA LEU D 136 -20.67 -16.22 -7.97
C LEU D 136 -20.91 -15.55 -9.33
N ASN D 137 -20.30 -16.08 -10.40
CA ASN D 137 -20.48 -15.50 -11.74
C ASN D 137 -21.05 -16.47 -12.77
N ALA D 138 -21.54 -17.61 -12.30
CA ALA D 138 -22.13 -18.61 -13.18
C ALA D 138 -23.06 -19.51 -12.41
N VAL D 139 -24.10 -20.01 -13.07
CA VAL D 139 -25.08 -20.86 -12.41
C VAL D 139 -25.72 -21.81 -13.40
N ARG D 140 -26.35 -22.86 -12.87
CA ARG D 140 -27.07 -23.83 -13.69
C ARG D 140 -28.47 -24.02 -13.12
N LEU D 141 -29.47 -24.11 -14.00
CA LEU D 141 -30.84 -24.33 -13.56
C LEU D 141 -31.03 -25.82 -13.39
N CYS D 142 -31.59 -26.20 -12.24
CA CYS D 142 -31.85 -27.59 -11.94
C CYS D 142 -33.35 -27.84 -11.86
N PHE D 143 -33.89 -28.46 -12.90
CA PHE D 143 -35.31 -28.77 -12.97
C PHE D 143 -35.62 -30.07 -12.22
N GLN D 144 -36.44 -29.95 -11.18
CA GLN D 144 -36.84 -31.09 -10.35
C GLN D 144 -38.35 -31.32 -10.48
N VAL D 145 -38.71 -32.15 -11.45
CA VAL D 145 -40.11 -32.48 -11.69
C VAL D 145 -40.60 -33.63 -10.80
N THR D 146 -41.81 -33.51 -10.30
CA THR D 146 -42.39 -34.55 -9.46
C THR D 146 -43.77 -34.89 -10.00
N VAL D 147 -43.88 -36.05 -10.64
CA VAL D 147 -45.15 -36.49 -11.21
C VAL D 147 -45.79 -37.52 -10.26
N ARG D 148 -46.76 -38.26 -10.78
CA ARG D 148 -47.46 -39.32 -10.04
C ARG D 148 -47.22 -40.65 -10.75
N ASP D 149 -46.69 -41.62 -10.02
CA ASP D 149 -46.42 -42.96 -10.56
C ASP D 149 -47.70 -43.55 -11.16
N PRO D 150 -47.57 -44.64 -11.93
CA PRO D 150 -48.75 -45.26 -12.53
C PRO D 150 -49.88 -45.50 -11.53
N ALA D 151 -49.53 -45.51 -10.24
CA ALA D 151 -50.52 -45.72 -9.18
C ALA D 151 -51.23 -44.39 -8.91
N GLY D 152 -50.49 -43.42 -8.37
CA GLY D 152 -51.07 -42.12 -8.07
C GLY D 152 -50.28 -41.36 -7.01
N ARG D 153 -49.29 -42.04 -6.43
CA ARG D 153 -48.46 -41.45 -5.40
C ARG D 153 -47.32 -40.64 -6.02
N PRO D 154 -46.82 -39.63 -5.30
CA PRO D 154 -45.74 -38.78 -5.78
C PRO D 154 -44.57 -39.57 -6.35
N LEU D 155 -43.98 -39.05 -7.43
CA LEU D 155 -42.86 -39.72 -8.08
C LEU D 155 -41.81 -38.71 -8.60
N LEU D 156 -40.80 -38.41 -7.77
CA LEU D 156 -39.76 -37.46 -8.17
C LEU D 156 -38.96 -38.04 -9.32
N LEU D 157 -38.87 -37.28 -10.41
CA LEU D 157 -38.12 -37.73 -11.59
C LEU D 157 -36.66 -37.34 -11.47
N THR D 158 -35.83 -37.94 -12.30
CA THR D 158 -34.40 -37.63 -12.27
C THR D 158 -34.12 -36.17 -12.63
N PRO D 159 -33.51 -35.43 -11.72
CA PRO D 159 -33.17 -34.01 -11.93
C PRO D 159 -32.43 -33.77 -13.23
N VAL D 160 -32.78 -32.69 -13.92
CA VAL D 160 -32.14 -32.36 -15.18
C VAL D 160 -31.55 -30.96 -15.11
N LEU D 161 -30.27 -30.84 -15.46
CA LEU D 161 -29.54 -29.56 -15.43
C LEU D 161 -29.65 -28.79 -16.74
N SER D 162 -29.41 -27.48 -16.68
CA SER D 162 -29.47 -26.65 -17.89
C SER D 162 -28.05 -26.17 -18.19
N HIS D 163 -27.88 -25.46 -19.29
CA HIS D 163 -26.58 -24.92 -19.65
C HIS D 163 -26.14 -23.79 -18.69
N PRO D 164 -24.83 -23.63 -18.48
CA PRO D 164 -24.30 -22.60 -17.60
C PRO D 164 -24.75 -21.20 -18.00
N ILE D 165 -25.14 -20.40 -17.01
CA ILE D 165 -25.56 -19.04 -17.25
C ILE D 165 -24.63 -18.10 -16.50
N PHE D 166 -24.01 -17.16 -17.22
CA PHE D 166 -23.08 -16.21 -16.63
C PHE D 166 -23.59 -14.78 -16.75
N ASP D 167 -23.30 -13.95 -15.75
CA ASP D 167 -23.74 -12.56 -15.81
C ASP D 167 -22.62 -11.67 -16.34
N ASN D 168 -23.01 -10.59 -17.01
CA ASN D 168 -22.06 -9.64 -17.60
C ASN D 168 -21.33 -8.84 -16.54
N ARG D 169 -21.88 -8.84 -15.33
CA ARG D 169 -21.30 -8.12 -14.21
C ARG D 169 -19.86 -8.54 -13.97
N ALA D 170 -19.61 -9.85 -14.05
CA ALA D 170 -18.28 -10.40 -13.82
C ALA D 170 -17.19 -9.59 -14.53
N PRO D 171 -16.17 -9.17 -13.78
CA PRO D 171 -15.05 -8.38 -14.31
C PRO D 171 -14.25 -9.08 -15.40
N ASN D 172 -13.87 -10.33 -15.15
CA ASN D 172 -13.07 -11.09 -16.10
C ASN D 172 -13.84 -11.67 -17.30
N THR D 173 -15.08 -11.23 -17.49
CA THR D 173 -15.87 -11.75 -18.59
C THR D 173 -16.00 -10.73 -19.71
N ALA D 174 -15.58 -9.50 -19.41
CA ALA D 174 -15.65 -8.41 -20.38
C ALA D 174 -14.94 -8.80 -21.66
N GLU D 175 -15.45 -8.33 -22.79
CA GLU D 175 -14.87 -8.62 -24.10
C GLU D 175 -13.63 -7.77 -24.37
N LEU D 176 -12.58 -8.41 -24.86
CA LEU D 176 -11.33 -7.73 -25.15
C LEU D 176 -11.37 -7.00 -26.49
N LYS D 177 -10.88 -5.77 -26.51
CA LYS D 177 -10.84 -4.99 -27.76
C LYS D 177 -9.84 -3.83 -27.71
N ILE D 178 -8.97 -3.79 -28.71
CA ILE D 178 -7.98 -2.72 -28.80
C ILE D 178 -8.64 -1.53 -29.51
N CYS D 179 -8.58 -0.36 -28.90
CA CYS D 179 -9.21 0.80 -29.51
C CYS D 179 -8.26 1.64 -30.36
N ARG D 180 -7.10 1.98 -29.80
CA ARG D 180 -6.14 2.82 -30.53
C ARG D 180 -4.69 2.47 -30.20
N VAL D 181 -3.79 2.81 -31.11
CA VAL D 181 -2.38 2.55 -30.94
C VAL D 181 -1.53 3.69 -31.50
N ASN D 182 -0.44 4.00 -30.82
CA ASN D 182 0.47 5.06 -31.21
C ASN D 182 1.24 4.72 -32.51
N ARG D 183 1.49 3.43 -32.73
CA ARG D 183 2.19 2.99 -33.93
C ARG D 183 1.91 1.52 -34.23
N ASN D 184 1.87 1.15 -35.50
CA ASN D 184 1.60 -0.22 -35.88
C ASN D 184 2.78 -0.88 -36.63
N SER D 185 4.00 -0.43 -36.35
CA SER D 185 5.17 -0.96 -37.03
C SER D 185 6.43 -0.71 -36.22
N GLY D 186 7.36 -1.66 -36.26
CA GLY D 186 8.59 -1.49 -35.50
C GLY D 186 9.70 -2.41 -35.95
N SER D 187 10.89 -2.22 -35.40
CA SER D 187 12.04 -3.05 -35.76
C SER D 187 11.78 -4.54 -35.54
N CYS D 188 12.40 -5.38 -36.36
CA CYS D 188 12.25 -6.83 -36.23
C CYS D 188 12.92 -7.33 -34.94
N LEU D 189 13.75 -6.46 -34.35
CA LEU D 189 14.42 -6.77 -33.10
C LEU D 189 13.51 -6.50 -31.90
N GLY D 190 12.48 -5.67 -32.12
CA GLY D 190 11.55 -5.34 -31.06
C GLY D 190 12.13 -4.30 -30.13
N GLY D 191 11.43 -4.06 -29.03
CA GLY D 191 11.88 -3.10 -28.05
C GLY D 191 11.25 -1.73 -28.22
N ASP D 192 10.32 -1.61 -29.15
CA ASP D 192 9.66 -0.33 -29.40
C ASP D 192 8.46 -0.15 -28.47
N GLU D 193 8.46 0.95 -27.72
CA GLU D 193 7.38 1.26 -26.77
C GLU D 193 6.07 1.44 -27.52
N ILE D 194 5.01 0.81 -27.03
CA ILE D 194 3.71 0.87 -27.66
C ILE D 194 2.64 1.32 -26.68
N PHE D 195 1.92 2.37 -27.05
CA PHE D 195 0.86 2.89 -26.22
C PHE D 195 -0.46 2.49 -26.82
N LEU D 196 -1.04 1.39 -26.36
CA LEU D 196 -2.32 0.95 -26.90
C LEU D 196 -3.43 1.19 -25.87
N LEU D 197 -4.59 1.62 -26.35
CA LEU D 197 -5.74 1.88 -25.48
C LEU D 197 -6.80 0.81 -25.74
N CYS D 198 -7.42 0.32 -24.68
CA CYS D 198 -8.45 -0.71 -24.84
C CYS D 198 -9.52 -0.56 -23.80
N ASP D 199 -10.32 -1.61 -23.62
CA ASP D 199 -11.39 -1.62 -22.63
C ASP D 199 -10.91 -2.16 -21.29
N LYS D 200 -11.79 -2.10 -20.29
CA LYS D 200 -11.46 -2.58 -18.95
C LYS D 200 -10.82 -3.95 -19.01
N VAL D 201 -9.65 -4.11 -18.40
CA VAL D 201 -8.95 -5.39 -18.39
C VAL D 201 -8.30 -5.60 -17.03
N GLN D 202 -7.92 -6.85 -16.74
CA GLN D 202 -7.27 -7.20 -15.49
C GLN D 202 -5.76 -7.09 -15.70
N LYS D 203 -5.08 -6.21 -14.97
CA LYS D 203 -3.64 -6.05 -15.12
C LYS D 203 -2.88 -7.31 -14.69
N GLU D 204 -3.55 -8.17 -13.90
CA GLU D 204 -2.93 -9.40 -13.42
C GLU D 204 -3.32 -10.54 -14.35
N ASP D 205 -4.14 -10.24 -15.36
CA ASP D 205 -4.58 -11.26 -16.30
C ASP D 205 -4.86 -10.68 -17.69
N ILE D 206 -3.79 -10.34 -18.40
CA ILE D 206 -3.91 -9.76 -19.73
C ILE D 206 -2.53 -9.74 -20.36
N GLU D 207 -2.47 -9.82 -21.69
CA GLU D 207 -1.19 -9.79 -22.38
C GLU D 207 -1.33 -9.45 -23.86
N VAL D 208 -0.29 -8.83 -24.43
CA VAL D 208 -0.31 -8.46 -25.85
C VAL D 208 0.24 -9.64 -26.60
N TYR D 209 -0.66 -10.33 -27.29
CA TYR D 209 -0.34 -11.54 -28.04
C TYR D 209 -0.06 -11.32 -29.52
N PHE D 210 1.16 -11.65 -29.94
CA PHE D 210 1.57 -11.52 -31.34
C PHE D 210 1.55 -12.88 -32.04
N THR D 211 1.02 -12.91 -33.26
CA THR D 211 0.94 -14.16 -34.00
C THR D 211 1.27 -13.98 -35.47
N GLY D 212 1.70 -15.07 -36.09
CA GLY D 212 2.05 -15.03 -37.50
C GLY D 212 2.16 -16.43 -38.08
N PRO D 213 3.01 -16.63 -39.09
CA PRO D 213 3.18 -17.94 -39.71
C PRO D 213 3.87 -18.94 -38.76
N GLY D 214 3.07 -19.69 -38.00
CA GLY D 214 3.63 -20.64 -37.05
C GLY D 214 4.58 -19.95 -36.10
N TRP D 215 4.16 -18.79 -35.62
CA TRP D 215 4.96 -18.00 -34.70
C TRP D 215 4.06 -17.24 -33.74
N GLU D 216 4.59 -16.96 -32.55
CA GLU D 216 3.83 -16.20 -31.56
C GLU D 216 4.70 -15.67 -30.44
N ALA D 217 4.69 -14.35 -30.26
CA ALA D 217 5.47 -13.71 -29.21
C ALA D 217 4.54 -13.00 -28.22
N ARG D 218 5.11 -12.21 -27.33
CA ARG D 218 4.27 -11.51 -26.37
C ARG D 218 4.88 -10.17 -26.00
N GLY D 219 4.02 -9.19 -25.70
CA GLY D 219 4.48 -7.87 -25.32
C GLY D 219 5.12 -7.87 -23.93
N SER D 220 6.06 -6.96 -23.71
CA SER D 220 6.74 -6.90 -22.43
C SER D 220 6.25 -5.73 -21.61
N PHE D 221 5.73 -6.02 -20.42
CA PHE D 221 5.23 -4.98 -19.53
C PHE D 221 4.83 -5.54 -18.17
N SER D 222 5.11 -4.78 -17.12
CA SER D 222 4.77 -5.18 -15.77
C SER D 222 3.38 -4.66 -15.47
N GLN D 223 2.80 -5.11 -14.37
CA GLN D 223 1.48 -4.68 -13.97
C GLN D 223 1.39 -3.17 -13.84
N ALA D 224 2.51 -2.55 -13.48
CA ALA D 224 2.57 -1.12 -13.32
C ALA D 224 2.48 -0.39 -14.66
N ASP D 225 2.44 -1.15 -15.75
CA ASP D 225 2.35 -0.53 -17.06
C ASP D 225 0.93 -0.44 -17.54
N VAL D 226 -0.01 -0.98 -16.76
CA VAL D 226 -1.43 -0.93 -17.13
C VAL D 226 -2.05 0.28 -16.43
N HIS D 227 -2.43 1.28 -17.21
CA HIS D 227 -3.02 2.52 -16.67
C HIS D 227 -4.54 2.45 -16.62
N ARG D 228 -5.09 2.51 -15.41
CA ARG D 228 -6.54 2.44 -15.18
C ARG D 228 -7.30 1.37 -15.96
N GLN D 229 -6.66 0.22 -16.18
CA GLN D 229 -7.28 -0.90 -16.89
C GLN D 229 -7.71 -0.63 -18.33
N VAL D 230 -7.38 0.53 -18.87
CA VAL D 230 -7.78 0.88 -20.23
C VAL D 230 -6.64 1.27 -21.15
N ALA D 231 -5.43 1.28 -20.61
CA ALA D 231 -4.24 1.63 -21.38
C ALA D 231 -3.07 0.75 -20.98
N ILE D 232 -2.29 0.30 -21.96
CA ILE D 232 -1.13 -0.54 -21.67
C ILE D 232 0.09 -0.08 -22.43
N VAL D 233 1.15 0.23 -21.71
CA VAL D 233 2.40 0.65 -22.35
C VAL D 233 3.35 -0.54 -22.31
N PHE D 234 3.60 -1.15 -23.46
CA PHE D 234 4.50 -2.30 -23.51
C PHE D 234 5.57 -2.18 -24.59
N ARG D 235 6.49 -3.15 -24.62
CA ARG D 235 7.58 -3.18 -25.58
C ARG D 235 7.34 -4.30 -26.57
N THR D 236 7.65 -4.03 -27.84
CA THR D 236 7.45 -5.02 -28.88
C THR D 236 8.48 -6.14 -28.78
N PRO D 237 8.01 -7.38 -28.88
CA PRO D 237 8.92 -8.52 -28.80
C PRO D 237 9.67 -8.72 -30.11
N PRO D 238 10.84 -9.34 -30.04
CA PRO D 238 11.65 -9.59 -31.24
C PRO D 238 11.00 -10.66 -32.13
N TYR D 239 10.87 -10.34 -33.40
CA TYR D 239 10.30 -11.28 -34.35
C TYR D 239 11.18 -12.51 -34.51
N ALA D 240 10.60 -13.57 -35.08
CA ALA D 240 11.30 -14.82 -35.30
C ALA D 240 12.66 -14.53 -35.92
N ASP D 241 12.63 -14.14 -37.19
CA ASP D 241 13.85 -13.81 -37.90
C ASP D 241 14.37 -12.45 -37.48
N PRO D 242 15.49 -12.43 -36.76
CA PRO D 242 16.13 -11.20 -36.27
C PRO D 242 16.88 -10.43 -37.35
N SER D 243 16.50 -10.61 -38.60
CA SER D 243 17.15 -9.89 -39.69
C SER D 243 16.48 -10.17 -41.03
N LEU D 244 15.21 -9.79 -41.14
CA LEU D 244 14.44 -10.00 -42.37
C LEU D 244 14.80 -8.97 -43.42
N GLN D 245 14.62 -9.34 -44.68
CA GLN D 245 14.93 -8.45 -45.80
C GLN D 245 13.84 -7.40 -46.02
N ALA D 246 12.61 -7.86 -46.17
CA ALA D 246 11.47 -6.98 -46.39
C ALA D 246 10.52 -7.01 -45.19
N PRO D 247 9.63 -6.02 -45.09
CA PRO D 247 8.68 -5.95 -43.97
C PRO D 247 7.71 -7.13 -43.93
N VAL D 248 7.37 -7.57 -42.72
CA VAL D 248 6.44 -8.68 -42.56
C VAL D 248 5.30 -8.27 -41.65
N ARG D 249 4.07 -8.46 -42.12
CA ARG D 249 2.90 -8.08 -41.33
C ARG D 249 2.33 -9.24 -40.53
N VAL D 250 2.27 -9.06 -39.22
CA VAL D 250 1.74 -10.08 -38.31
C VAL D 250 0.48 -9.58 -37.60
N SER D 251 -0.16 -10.46 -36.83
CA SER D 251 -1.38 -10.10 -36.13
C SER D 251 -1.13 -9.85 -34.67
N MET D 252 -1.63 -8.73 -34.17
CA MET D 252 -1.48 -8.36 -32.77
C MET D 252 -2.86 -8.32 -32.12
N GLN D 253 -2.95 -8.73 -30.86
CA GLN D 253 -4.22 -8.72 -30.15
C GLN D 253 -4.06 -8.96 -28.67
N LEU D 254 -5.06 -8.57 -27.90
CA LEU D 254 -5.06 -8.76 -26.45
C LEU D 254 -5.46 -10.19 -26.13
N ARG D 255 -4.81 -10.77 -25.12
CA ARG D 255 -5.11 -12.14 -24.69
C ARG D 255 -5.27 -12.23 -23.18
N ARG D 256 -6.22 -13.06 -22.75
CA ARG D 256 -6.49 -13.23 -21.33
C ARG D 256 -6.24 -14.69 -20.94
N PRO D 257 -5.05 -14.98 -20.39
CA PRO D 257 -4.64 -16.31 -19.96
C PRO D 257 -5.67 -17.13 -19.18
N SER D 258 -6.49 -16.45 -18.38
CA SER D 258 -7.52 -17.12 -17.59
C SER D 258 -8.36 -18.04 -18.46
N ASP D 259 -9.07 -17.46 -19.41
CA ASP D 259 -9.93 -18.24 -20.31
C ASP D 259 -9.37 -18.21 -21.71
N ARG D 260 -8.06 -17.99 -21.82
CA ARG D 260 -7.36 -17.92 -23.10
C ARG D 260 -8.21 -17.24 -24.18
N GLU D 261 -8.89 -16.17 -23.80
CA GLU D 261 -9.73 -15.43 -24.73
C GLU D 261 -8.88 -14.42 -25.52
N LEU D 262 -9.33 -14.06 -26.72
CA LEU D 262 -8.59 -13.11 -27.55
C LEU D 262 -9.46 -11.95 -27.99
N SER D 263 -8.81 -10.86 -28.39
CA SER D 263 -9.52 -9.68 -28.87
C SER D 263 -9.47 -9.71 -30.40
N GLU D 264 -10.00 -8.67 -31.03
CA GLU D 264 -10.00 -8.62 -32.49
C GLU D 264 -8.57 -8.43 -32.97
N PRO D 265 -8.14 -9.21 -33.98
CA PRO D 265 -6.78 -9.10 -34.50
C PRO D 265 -6.48 -7.72 -35.08
N MET D 266 -5.23 -7.31 -35.02
CA MET D 266 -4.82 -6.02 -35.56
C MET D 266 -3.55 -6.19 -36.36
N GLU D 267 -3.53 -5.62 -37.55
CA GLU D 267 -2.38 -5.69 -38.44
C GLU D 267 -1.16 -4.98 -37.85
N PHE D 268 0.00 -5.62 -37.92
CA PHE D 268 1.24 -5.03 -37.43
C PHE D 268 2.40 -5.54 -38.26
N GLN D 269 3.05 -4.65 -39.01
CA GLN D 269 4.16 -5.03 -39.85
C GLN D 269 5.51 -4.81 -39.16
N TYR D 270 6.40 -5.78 -39.29
CA TYR D 270 7.74 -5.69 -38.73
C TYR D 270 8.69 -5.10 -39.78
N LEU D 271 9.56 -4.20 -39.35
CA LEU D 271 10.51 -3.54 -40.24
C LEU D 271 11.95 -3.90 -39.86
N PRO D 272 12.79 -4.21 -40.86
CA PRO D 272 14.19 -4.57 -40.61
C PRO D 272 14.97 -3.38 -40.09
N ASP D 273 15.95 -3.63 -39.23
CA ASP D 273 16.75 -2.55 -38.65
C ASP D 273 17.48 -1.74 -39.71
#